data_9KJU
#
_entry.id   9KJU
#
_cell.length_a   1.00
_cell.length_b   1.00
_cell.length_c   1.00
_cell.angle_alpha   90.00
_cell.angle_beta   90.00
_cell.angle_gamma   90.00
#
_symmetry.space_group_name_H-M   'P 1'
#
loop_
_entity.id
_entity.type
_entity.pdbx_description
1 polymer 'Amino acid transporter heavy chain SLC3A2'
2 polymer 'Y+L amino acid transporter 1'
3 branched 2-acetamido-2-deoxy-beta-D-glucopyranose-(1-4)-2-acetamido-2-deoxy-beta-D-glucopyranose
4 non-polymer ARGININE
5 water water
#
loop_
_entity_poly.entity_id
_entity_poly.type
_entity_poly.pdbx_seq_one_letter_code
_entity_poly.pdbx_strand_id
1 'polypeptide(L)'
;HHHHHHHHHHSGRELQPPEASIAVVSIPRQLPGSHSEAGVQGLSAGDDSELGSHCVAQTGLELLASGDPLPSASQNAEMI
ETGSDCVTQAGLQLLASSDPPALASKNAEVTGTMSQDTEVDMKEVELNELEPEKQPMNAASGAAMSLAGAEKNGLVKIKV
AEDEAEAAAAAKFTGLSKEELLKVAGSPGWVRTRWALLLLFWLGWLGMLAGAVVIIVRAPRCRELPAQKWWHTGALYRIG
DLQAFQGHGAGNLAGLKGRLDYLSSLKVKGLVLGPIHKNQKDDVAQTDLLQIDPNFGSKEDFDSLLQSAKKKSIRVILDL
TPNYRGENSWFSTQVDTVATKVKDALEFWLQAGVDGFQVRDIENLKDASSFLAEWQNITKGFSEDRLLIAGTNSSDLQQI
LSLLESNKDLLLTSSYLSDSGSTGEHTKSLVTQYLNATGNRWCSWSLSQARLLTSFLPAQLLRLYQLMLFTLPGTPVFSY
GDEIGLDAAALPGQPMEAPVMLWDESSFPDIPGAVSANMTVKGQSEDPGSLLSLFRRLSDQRSKERSLLHGDFHAFSAGP
GLFSYIRHWDQNERFLVVLNFGDVGLSAGLQASDLPASASLPAKADLLLSTQPGREEGSPLELERLKLEPHEGLLLRFPY
AATGA
;
A
2 'polypeptide(L)'
;DYKDDDDKSGPDEVDASGRVDSTEYEVASQPEVETSPLGDGASPGPEQVKLKKEISLLNGVCLIVGNMIGSGIFVSPKGV
LIYSASFGLSLVIWAVGGLFSVFGALCYAELGTTIKKSGASYAYILEAFGGFLAFIRLWTSLLIIEPTSQAIIAITFANY
MVQPLFPSCFAPYAASRLLAAACICLLTFINCAYVKWGTLVQDIFTYAKVLALIAVIVAGIVRLGQGASTHFENSFEGSS
FAVGDIALALYSALFSYSGWDTLNYVTEEIKNPERNLPLSIGISMPIVTIIYILTNVAYYTVLDMRDILASDAVAVTFAD
QIFGIFNWIIPLSVALSCFGGLNASIVAASRLFFVGSREGHLPDAICMIHVERFTPVPSLLFNGIMALIYLCVEDIFQLI
NYYSFSYWFFVGLSIVGQLYLRWKEPDRPRPLKLSVFFPIVFCLCTIFLVAVPLYSDTINSLIGIAIALSGLPFYFLIIR
VPEHKRPLYLRRIVGSATRYLQVLCMSVAAEMDLEDGGEMPKQRDPKSN
;
B
#
loop_
_chem_comp.id
_chem_comp.type
_chem_comp.name
_chem_comp.formula
NAG D-saccharide, beta linking 2-acetamido-2-deoxy-beta-D-glucopyranose 'C8 H15 N O6'
#
# COMPACT_ATOMS: atom_id res chain seq x y z
N LYS A 172 -52.32 29.22 -6.77
CA LYS A 172 -51.27 30.21 -6.71
C LYS A 172 -50.10 29.75 -7.59
N PHE A 173 -49.18 28.98 -7.00
CA PHE A 173 -48.09 28.40 -7.76
C PHE A 173 -47.78 26.97 -7.31
N THR A 174 -48.71 26.31 -6.62
CA THR A 174 -48.48 24.96 -6.14
C THR A 174 -48.61 23.96 -7.29
N GLY A 175 -48.12 22.75 -7.06
CA GLY A 175 -48.14 21.71 -8.06
C GLY A 175 -49.51 21.10 -8.23
N LEU A 176 -49.58 20.17 -9.19
CA LEU A 176 -50.82 19.48 -9.48
C LEU A 176 -51.14 18.46 -8.39
N SER A 177 -52.43 18.17 -8.24
CA SER A 177 -52.89 17.11 -7.37
C SER A 177 -52.92 15.81 -8.17
N LYS A 178 -53.40 14.73 -7.56
CA LYS A 178 -53.35 13.44 -8.22
C LYS A 178 -54.36 13.35 -9.35
N GLU A 179 -55.52 14.00 -9.20
CA GLU A 179 -56.59 13.87 -10.18
C GLU A 179 -56.27 14.61 -11.47
N GLU A 180 -55.80 15.86 -11.36
CA GLU A 180 -55.49 16.62 -12.57
C GLU A 180 -54.22 16.11 -13.24
N LEU A 181 -53.29 15.57 -12.46
CA LEU A 181 -52.12 14.93 -13.05
C LEU A 181 -52.52 13.66 -13.81
N LEU A 182 -53.39 12.84 -13.22
CA LEU A 182 -53.86 11.65 -13.90
C LEU A 182 -54.73 11.97 -15.11
N LYS A 183 -55.33 13.16 -15.16
CA LYS A 183 -56.09 13.53 -16.34
C LYS A 183 -55.27 14.27 -17.40
N VAL A 184 -54.09 14.81 -17.07
CA VAL A 184 -53.33 15.51 -18.10
C VAL A 184 -52.14 14.66 -18.55
N ALA A 185 -51.62 13.79 -17.69
CA ALA A 185 -50.52 12.93 -18.06
C ALA A 185 -51.00 11.56 -18.52
N GLY A 186 -51.95 11.56 -19.46
CA GLY A 186 -52.42 10.33 -20.06
C GLY A 186 -52.70 10.55 -21.52
N SER A 187 -52.43 11.78 -21.97
CA SER A 187 -52.70 12.13 -23.36
C SER A 187 -51.62 11.54 -24.27
N PRO A 188 -51.98 11.13 -25.48
CA PRO A 188 -50.96 10.71 -26.45
C PRO A 188 -50.12 11.89 -26.89
N GLY A 189 -48.86 11.90 -26.49
CA GLY A 189 -48.01 13.05 -26.65
C GLY A 189 -47.14 13.23 -25.43
N TRP A 190 -47.66 12.80 -24.28
CA TRP A 190 -46.87 12.65 -23.07
C TRP A 190 -46.44 11.21 -22.84
N VAL A 191 -47.31 10.26 -23.17
CA VAL A 191 -47.00 8.83 -23.08
C VAL A 191 -45.85 8.47 -24.03
N ARG A 192 -45.92 8.99 -25.26
CA ARG A 192 -44.85 8.74 -26.23
C ARG A 192 -43.54 9.37 -25.80
N THR A 193 -43.61 10.52 -25.11
CA THR A 193 -42.40 11.16 -24.59
C THR A 193 -41.77 10.33 -23.49
N ARG A 194 -42.59 9.74 -22.62
CA ARG A 194 -42.05 8.93 -21.53
C ARG A 194 -41.42 7.63 -22.04
N TRP A 195 -42.10 6.96 -22.98
CA TRP A 195 -41.51 5.76 -23.58
C TRP A 195 -40.28 6.07 -24.42
N ALA A 196 -40.25 7.23 -25.10
CA ALA A 196 -39.07 7.60 -25.88
C ALA A 196 -37.88 7.89 -24.98
N LEU A 197 -38.11 8.55 -23.85
CA LEU A 197 -37.01 8.82 -22.92
C LEU A 197 -36.50 7.54 -22.27
N LEU A 198 -37.40 6.58 -21.99
CA LEU A 198 -36.98 5.31 -21.42
C LEU A 198 -36.11 4.51 -22.39
N LEU A 199 -36.54 4.41 -23.65
CA LEU A 199 -35.75 3.67 -24.64
C LEU A 199 -34.44 4.38 -24.96
N LEU A 200 -34.44 5.72 -24.96
CA LEU A 200 -33.21 6.47 -25.20
C LEU A 200 -32.21 6.27 -24.06
N PHE A 201 -32.72 6.24 -22.82
CA PHE A 201 -31.85 6.00 -21.67
C PHE A 201 -31.24 4.60 -21.73
N TRP A 202 -32.03 3.59 -22.12
CA TRP A 202 -31.48 2.24 -22.15
C TRP A 202 -30.50 2.04 -23.29
N LEU A 203 -30.72 2.68 -24.45
CA LEU A 203 -29.73 2.55 -25.51
C LEU A 203 -28.46 3.34 -25.19
N GLY A 204 -28.57 4.45 -24.44
CA GLY A 204 -27.37 5.13 -23.98
C GLY A 204 -26.58 4.32 -22.97
N TRP A 205 -27.28 3.61 -22.08
CA TRP A 205 -26.60 2.73 -21.13
C TRP A 205 -25.88 1.58 -21.82
N LEU A 206 -26.54 0.95 -22.80
CA LEU A 206 -25.87 -0.10 -23.58
C LEU A 206 -24.72 0.45 -24.41
N GLY A 207 -24.84 1.70 -24.88
CA GLY A 207 -23.75 2.30 -25.63
C GLY A 207 -22.52 2.57 -24.78
N MET A 208 -22.72 3.02 -23.54
CA MET A 208 -21.56 3.26 -22.69
C MET A 208 -20.94 1.95 -22.20
N LEU A 209 -21.75 0.89 -22.04
CA LEU A 209 -21.17 -0.42 -21.73
C LEU A 209 -20.36 -0.96 -22.91
N ALA A 210 -20.86 -0.79 -24.13
CA ALA A 210 -20.11 -1.21 -25.31
C ALA A 210 -18.84 -0.39 -25.49
N GLY A 211 -18.88 0.90 -25.16
CA GLY A 211 -17.67 1.71 -25.21
C GLY A 211 -16.62 1.28 -24.22
N ALA A 212 -17.05 0.91 -23.00
CA ALA A 212 -16.10 0.40 -22.01
C ALA A 212 -15.50 -0.93 -22.44
N VAL A 213 -16.31 -1.83 -23.01
CA VAL A 213 -15.82 -3.12 -23.45
C VAL A 213 -14.86 -2.97 -24.63
N VAL A 214 -15.14 -2.01 -25.53
CA VAL A 214 -14.25 -1.77 -26.67
C VAL A 214 -12.92 -1.17 -26.20
N ILE A 215 -12.96 -0.25 -25.24
CA ILE A 215 -11.74 0.37 -24.73
C ILE A 215 -10.89 -0.64 -23.97
N ILE A 216 -11.52 -1.59 -23.28
CA ILE A 216 -10.77 -2.57 -22.47
C ILE A 216 -9.96 -3.51 -23.36
N VAL A 217 -10.58 -4.03 -24.43
CA VAL A 217 -9.89 -4.98 -25.30
C VAL A 217 -8.91 -4.34 -26.27
N ARG A 218 -8.74 -3.02 -26.22
CA ARG A 218 -7.74 -2.34 -27.03
C ARG A 218 -6.55 -1.82 -26.21
N ALA A 219 -6.66 -1.80 -24.89
CA ALA A 219 -5.48 -1.62 -24.06
C ALA A 219 -4.61 -2.87 -24.20
N PRO A 220 -3.30 -2.73 -24.47
CA PRO A 220 -2.55 -3.85 -25.06
C PRO A 220 -2.39 -5.11 -24.20
N ARG A 221 -1.52 -5.05 -23.17
CA ARG A 221 -1.18 -6.15 -22.28
C ARG A 221 -0.11 -5.65 -21.32
N CYS A 222 0.28 -6.47 -20.35
CA CYS A 222 1.53 -6.31 -19.63
C CYS A 222 2.16 -7.68 -19.42
N ARG A 223 3.48 -7.71 -19.49
CA ARG A 223 4.24 -8.94 -19.49
C ARG A 223 4.23 -9.60 -18.12
N GLU A 224 4.53 -10.90 -18.09
CA GLU A 224 4.53 -11.63 -16.83
C GLU A 224 5.80 -11.43 -16.01
N LEU A 225 5.64 -11.31 -14.69
CA LEU A 225 6.78 -11.15 -13.80
C LEU A 225 7.73 -12.29 -14.09
N PRO A 226 8.98 -12.22 -13.62
CA PRO A 226 9.89 -13.31 -13.94
C PRO A 226 10.13 -14.34 -12.85
N ALA A 227 9.35 -14.34 -11.76
CA ALA A 227 9.42 -15.34 -10.68
C ALA A 227 10.80 -15.45 -10.04
N GLN A 228 11.18 -14.42 -9.28
CA GLN A 228 12.54 -14.22 -8.81
C GLN A 228 12.85 -15.10 -7.62
N LYS A 229 14.14 -15.43 -7.50
CA LYS A 229 14.70 -16.11 -6.34
C LYS A 229 14.97 -15.10 -5.24
N TRP A 230 15.45 -15.57 -4.09
CA TRP A 230 15.66 -14.69 -2.96
C TRP A 230 16.92 -13.86 -3.08
N TRP A 231 17.84 -14.26 -3.96
CA TRP A 231 19.03 -13.49 -4.18
C TRP A 231 18.90 -12.55 -5.36
N HIS A 232 17.70 -12.39 -5.88
CA HIS A 232 17.42 -11.42 -6.91
C HIS A 232 16.80 -10.17 -6.34
N THR A 233 16.67 -10.09 -5.01
CA THR A 233 15.81 -9.11 -4.36
C THR A 233 16.56 -8.18 -3.41
N GLY A 234 17.88 -8.25 -3.39
CA GLY A 234 18.66 -7.28 -2.64
C GLY A 234 20.10 -7.72 -2.57
N ALA A 235 20.82 -7.17 -1.61
CA ALA A 235 22.27 -7.32 -1.53
C ALA A 235 22.65 -8.45 -0.59
N LEU A 236 23.83 -9.01 -0.81
CA LEU A 236 24.43 -9.96 0.11
C LEU A 236 25.57 -9.28 0.86
N TYR A 237 25.99 -9.92 1.94
CA TYR A 237 26.85 -9.32 2.96
C TYR A 237 27.84 -10.37 3.43
N ARG A 238 29.11 -10.19 3.15
CA ARG A 238 30.11 -11.21 3.47
C ARG A 238 30.77 -10.92 4.81
N ILE A 239 30.70 -11.89 5.73
CA ILE A 239 31.40 -11.81 7.01
C ILE A 239 32.45 -12.90 7.03
N GLY A 240 33.66 -12.54 6.64
CA GLY A 240 34.70 -13.50 6.40
C GLY A 240 35.42 -13.95 7.64
N ASP A 241 35.79 -12.98 8.47
CA ASP A 241 36.33 -13.27 9.79
C ASP A 241 35.25 -12.96 10.80
N LEU A 242 35.02 -13.90 11.71
CA LEU A 242 33.91 -13.77 12.63
C LEU A 242 34.30 -13.07 13.91
N GLN A 243 35.50 -13.33 14.43
CA GLN A 243 35.91 -12.77 15.70
C GLN A 243 36.25 -11.29 15.57
N ALA A 244 36.56 -10.83 14.37
CA ALA A 244 36.75 -9.40 14.14
C ALA A 244 35.44 -8.66 13.91
N PHE A 245 34.35 -9.38 13.65
CA PHE A 245 33.07 -8.72 13.42
C PHE A 245 32.44 -8.28 14.73
N GLN A 246 32.64 -9.04 15.80
CA GLN A 246 32.18 -8.66 17.13
C GLN A 246 33.29 -7.98 17.94
N GLY A 247 34.36 -8.72 18.21
CA GLY A 247 35.43 -8.21 19.04
C GLY A 247 36.04 -9.32 19.89
N HIS A 248 36.59 -8.92 21.02
CA HIS A 248 37.34 -9.83 21.88
C HIS A 248 36.37 -10.73 22.66
N GLY A 249 36.72 -12.02 22.78
CA GLY A 249 35.92 -12.97 23.50
C GLY A 249 34.64 -13.42 22.81
N ALA A 250 33.79 -12.49 22.36
CA ALA A 250 32.46 -12.79 21.89
C ALA A 250 32.41 -13.12 20.41
N GLY A 251 33.48 -13.73 19.88
CA GLY A 251 33.54 -14.10 18.49
C GLY A 251 33.00 -15.48 18.18
N ASN A 252 31.91 -15.86 18.81
CA ASN A 252 31.33 -17.18 18.61
C ASN A 252 30.20 -17.11 17.60
N LEU A 253 29.69 -18.29 17.25
CA LEU A 253 28.43 -18.33 16.50
C LEU A 253 27.26 -17.94 17.39
N ALA A 254 27.44 -18.05 18.71
CA ALA A 254 26.41 -17.64 19.64
C ALA A 254 26.28 -16.12 19.72
N GLY A 255 27.40 -15.41 19.66
CA GLY A 255 27.36 -13.96 19.71
C GLY A 255 26.87 -13.32 18.44
N LEU A 256 26.88 -14.06 17.33
CA LEU A 256 26.40 -13.54 16.05
C LEU A 256 24.89 -13.36 16.06
N LYS A 257 24.19 -14.04 16.95
CA LYS A 257 22.73 -13.95 17.05
C LYS A 257 22.27 -12.57 17.46
N GLY A 258 23.11 -11.80 18.14
CA GLY A 258 22.70 -10.48 18.60
C GLY A 258 22.94 -9.37 17.60
N ARG A 259 23.39 -9.71 16.40
CA ARG A 259 23.68 -8.71 15.39
C ARG A 259 22.65 -8.65 14.27
N LEU A 260 21.71 -9.59 14.23
CA LEU A 260 20.77 -9.69 13.13
C LEU A 260 19.77 -8.55 13.07
N ASP A 261 19.60 -7.80 14.15
CA ASP A 261 18.78 -6.59 14.05
C ASP A 261 19.55 -5.45 13.41
N TYR A 262 20.88 -5.41 13.58
CA TYR A 262 21.67 -4.46 12.82
C TYR A 262 21.71 -4.83 11.35
N LEU A 263 21.83 -6.13 11.07
CA LEU A 263 21.84 -6.58 9.69
C LEU A 263 20.51 -6.35 9.00
N SER A 264 19.40 -6.41 9.74
CA SER A 264 18.09 -6.11 9.16
C SER A 264 17.84 -4.63 9.03
N SER A 265 18.68 -3.80 9.64
CA SER A 265 18.59 -2.37 9.41
C SER A 265 19.07 -2.01 8.02
N LEU A 266 20.01 -2.79 7.49
CA LEU A 266 20.58 -2.60 6.17
C LEU A 266 19.67 -3.14 5.08
N LYS A 267 18.73 -4.02 5.43
CA LYS A 267 17.87 -4.78 4.53
C LYS A 267 18.69 -5.63 3.56
N VAL A 268 19.64 -6.39 4.10
CA VAL A 268 20.35 -7.35 3.27
C VAL A 268 19.56 -8.65 3.24
N LYS A 269 19.56 -9.30 2.08
CA LYS A 269 18.74 -10.48 1.90
C LYS A 269 19.48 -11.76 2.18
N GLY A 270 20.80 -11.72 2.29
CA GLY A 270 21.55 -12.91 2.56
C GLY A 270 22.86 -12.55 3.22
N LEU A 271 23.47 -13.58 3.80
CA LEU A 271 24.64 -13.43 4.66
C LEU A 271 25.61 -14.53 4.30
N VAL A 272 26.87 -14.20 4.11
CA VAL A 272 27.87 -15.17 3.70
C VAL A 272 28.81 -15.39 4.87
N LEU A 273 28.56 -16.42 5.65
CA LEU A 273 29.41 -16.77 6.78
C LEU A 273 30.69 -17.44 6.33
N GLY A 274 31.80 -17.05 6.94
CA GLY A 274 33.09 -17.51 6.53
C GLY A 274 33.32 -18.94 6.92
N PRO A 275 34.47 -19.47 6.55
CA PRO A 275 34.73 -20.88 6.80
C PRO A 275 34.91 -21.17 8.29
N ILE A 276 34.09 -22.08 8.81
CA ILE A 276 34.00 -22.32 10.23
C ILE A 276 34.49 -23.72 10.58
N HIS A 277 34.84 -24.53 9.59
CA HIS A 277 35.22 -25.92 9.84
C HIS A 277 36.65 -26.00 10.33
N LYS A 278 37.06 -27.21 10.71
CA LYS A 278 38.38 -27.41 11.30
C LYS A 278 39.42 -27.58 10.19
N ASN A 279 40.30 -26.61 10.07
CA ASN A 279 41.45 -26.67 9.18
C ASN A 279 42.69 -26.51 10.05
N GLN A 280 43.66 -27.40 9.87
CA GLN A 280 44.92 -27.22 10.57
C GLN A 280 45.88 -26.39 9.71
N LYS A 281 46.39 -27.01 8.65
CA LYS A 281 47.32 -26.43 7.70
C LYS A 281 47.31 -27.41 6.54
N ASP A 282 48.31 -27.31 5.67
CA ASP A 282 48.44 -28.15 4.46
C ASP A 282 48.19 -29.66 4.58
N ASP A 283 48.02 -30.18 5.79
CA ASP A 283 47.78 -31.59 6.00
C ASP A 283 46.39 -31.74 5.40
N VAL A 284 46.25 -32.55 4.36
CA VAL A 284 44.99 -32.71 3.65
C VAL A 284 44.10 -33.76 4.30
N ALA A 285 44.70 -34.77 4.92
CA ALA A 285 43.92 -35.89 5.46
C ALA A 285 43.32 -35.57 6.83
N GLN A 286 43.74 -34.49 7.48
CA GLN A 286 43.22 -34.22 8.80
C GLN A 286 42.06 -33.23 8.79
N THR A 287 42.00 -32.31 7.84
CA THR A 287 40.93 -31.33 7.80
C THR A 287 39.64 -31.97 7.33
N ASP A 288 38.54 -31.68 8.05
CA ASP A 288 37.23 -32.26 7.78
C ASP A 288 36.25 -31.12 7.62
N LEU A 289 35.46 -31.15 6.54
CA LEU A 289 34.52 -30.07 6.29
C LEU A 289 33.17 -30.31 6.93
N LEU A 290 32.99 -31.38 7.69
CA LEU A 290 31.70 -31.66 8.31
C LEU A 290 31.63 -31.26 9.77
N GLN A 291 32.77 -31.00 10.40
CA GLN A 291 32.86 -30.86 11.84
C GLN A 291 33.40 -29.48 12.19
N ILE A 292 32.72 -28.77 13.09
CA ILE A 292 33.01 -27.37 13.37
C ILE A 292 34.24 -27.26 14.24
N ASP A 293 35.10 -26.29 13.92
CA ASP A 293 36.15 -25.84 14.82
C ASP A 293 35.52 -25.32 16.10
N PRO A 294 35.99 -25.78 17.28
CA PRO A 294 35.35 -25.35 18.53
C PRO A 294 35.56 -23.89 18.90
N ASN A 295 36.45 -23.18 18.22
CA ASN A 295 36.64 -21.75 18.46
C ASN A 295 35.52 -20.89 17.91
N PHE A 296 34.54 -21.46 17.20
CA PHE A 296 33.37 -20.71 16.78
C PHE A 296 32.10 -21.14 17.51
N GLY A 297 32.05 -22.35 18.03
CA GLY A 297 30.90 -22.83 18.75
C GLY A 297 30.77 -24.34 18.59
N SER A 298 29.54 -24.83 18.68
CA SER A 298 29.28 -26.24 18.53
C SER A 298 28.22 -26.39 17.45
N LYS A 299 27.66 -27.58 17.32
CA LYS A 299 26.71 -27.87 16.25
C LYS A 299 25.33 -27.26 16.51
N GLU A 300 24.95 -27.05 17.77
CA GLU A 300 23.57 -26.66 18.07
C GLU A 300 23.34 -25.16 18.10
N ASP A 301 24.33 -24.35 18.45
CA ASP A 301 24.10 -22.91 18.33
C ASP A 301 24.22 -22.45 16.88
N PHE A 302 24.83 -23.25 16.00
CA PHE A 302 24.69 -23.03 14.57
C PHE A 302 23.24 -23.20 14.13
N ASP A 303 22.57 -24.25 14.62
CA ASP A 303 21.15 -24.45 14.37
C ASP A 303 20.28 -23.35 14.96
N SER A 304 20.64 -22.87 16.16
CA SER A 304 19.97 -21.73 16.77
C SER A 304 20.13 -20.47 15.92
N LEU A 305 21.33 -20.28 15.36
CA LEU A 305 21.60 -19.15 14.48
C LEU A 305 20.81 -19.24 13.19
N LEU A 306 20.69 -20.44 12.62
CA LEU A 306 19.95 -20.62 11.38
C LEU A 306 18.47 -20.30 11.56
N GLN A 307 17.89 -20.77 12.68
CA GLN A 307 16.48 -20.47 12.93
C GLN A 307 16.27 -19.01 13.29
N SER A 308 17.20 -18.43 14.07
CA SER A 308 17.09 -17.04 14.47
C SER A 308 17.24 -16.09 13.29
N ALA A 309 18.03 -16.48 12.29
CA ALA A 309 18.14 -15.67 11.09
C ALA A 309 16.95 -15.90 10.16
N LYS A 310 16.40 -17.11 10.17
CA LYS A 310 15.23 -17.40 9.34
C LYS A 310 14.01 -16.63 9.82
N LYS A 311 13.96 -16.28 11.11
CA LYS A 311 12.83 -15.48 11.59
C LYS A 311 12.88 -14.04 11.04
N LYS A 312 14.07 -13.46 10.90
CA LYS A 312 14.23 -12.09 10.44
C LYS A 312 14.36 -11.96 8.94
N SER A 313 14.12 -13.06 8.20
CA SER A 313 14.15 -13.14 6.73
C SER A 313 15.56 -12.90 6.17
N ILE A 314 16.56 -13.51 6.79
CA ILE A 314 17.94 -13.44 6.34
C ILE A 314 18.41 -14.86 6.05
N ARG A 315 18.92 -15.09 4.85
CA ARG A 315 19.45 -16.39 4.49
C ARG A 315 20.92 -16.51 4.82
N VAL A 316 21.39 -17.72 5.03
CA VAL A 316 22.76 -17.96 5.47
C VAL A 316 23.48 -18.82 4.44
N ILE A 317 24.57 -18.28 3.89
CA ILE A 317 25.43 -18.97 2.94
C ILE A 317 26.71 -19.35 3.66
N LEU A 318 27.17 -20.57 3.46
CA LEU A 318 28.33 -21.10 4.18
C LEU A 318 29.51 -21.19 3.22
N ASP A 319 30.65 -20.62 3.62
CA ASP A 319 31.87 -20.73 2.83
C ASP A 319 32.53 -22.07 3.11
N LEU A 320 32.85 -22.80 2.05
CA LEU A 320 33.38 -24.15 2.15
C LEU A 320 34.74 -24.30 1.50
N THR A 321 35.55 -23.26 1.54
CA THR A 321 36.90 -23.32 1.00
C THR A 321 37.76 -24.20 1.90
N PRO A 322 38.42 -25.24 1.37
CA PRO A 322 39.07 -26.22 2.25
C PRO A 322 40.25 -25.71 3.04
N ASN A 323 41.24 -25.14 2.38
CA ASN A 323 42.47 -24.70 3.05
C ASN A 323 42.42 -23.19 3.27
N TYR A 324 41.59 -22.78 4.22
CA TYR A 324 41.42 -21.37 4.47
C TYR A 324 42.35 -20.84 5.54
N ARG A 325 43.27 -21.67 6.03
CA ARG A 325 44.39 -21.25 6.85
C ARG A 325 45.62 -21.74 6.07
N GLY A 326 46.20 -20.87 5.27
CA GLY A 326 47.30 -21.29 4.43
C GLY A 326 47.37 -20.43 3.20
N GLU A 327 48.54 -20.47 2.56
CA GLU A 327 48.80 -19.58 1.44
C GLU A 327 48.12 -20.10 0.18
N ASN A 328 48.16 -21.41 -0.04
CA ASN A 328 47.49 -21.98 -1.19
C ASN A 328 46.21 -22.66 -0.73
N SER A 329 45.11 -22.23 -1.32
CA SER A 329 43.79 -22.31 -0.73
C SER A 329 43.07 -23.62 -1.04
N TRP A 330 43.62 -24.45 -1.90
CA TRP A 330 42.92 -25.65 -2.36
C TRP A 330 43.79 -26.90 -2.28
N PHE A 331 44.78 -26.93 -1.37
CA PHE A 331 45.59 -28.12 -1.06
C PHE A 331 46.33 -28.63 -2.30
N SER A 332 47.38 -27.89 -2.68
CA SER A 332 48.08 -28.03 -3.95
C SER A 332 48.61 -29.42 -4.36
N THR A 333 48.59 -30.40 -3.47
CA THR A 333 49.17 -31.71 -3.81
C THR A 333 48.17 -32.65 -4.46
N GLN A 334 46.99 -32.81 -3.86
CA GLN A 334 45.99 -33.72 -4.39
C GLN A 334 44.84 -32.88 -4.96
N VAL A 335 44.08 -33.46 -5.88
CA VAL A 335 42.93 -32.76 -6.44
C VAL A 335 41.64 -33.56 -6.30
N ASP A 336 41.69 -34.88 -6.16
CA ASP A 336 40.49 -35.69 -6.16
C ASP A 336 39.84 -35.80 -4.78
N THR A 337 40.65 -35.93 -3.73
CA THR A 337 40.09 -36.17 -2.42
C THR A 337 39.47 -34.91 -1.84
N VAL A 338 39.98 -33.73 -2.20
CA VAL A 338 39.36 -32.50 -1.73
C VAL A 338 38.05 -32.23 -2.47
N ALA A 339 37.94 -32.66 -3.73
CA ALA A 339 36.67 -32.64 -4.41
C ALA A 339 35.67 -33.61 -3.80
N THR A 340 36.15 -34.75 -3.27
CA THR A 340 35.28 -35.66 -2.53
C THR A 340 34.80 -35.03 -1.23
N LYS A 341 35.69 -34.28 -0.55
CA LYS A 341 35.33 -33.53 0.66
C LYS A 341 34.21 -32.54 0.41
N VAL A 342 34.33 -31.74 -0.65
CA VAL A 342 33.32 -30.72 -0.93
C VAL A 342 32.02 -31.37 -1.34
N LYS A 343 32.11 -32.51 -2.02
CA LYS A 343 30.91 -33.21 -2.48
C LYS A 343 30.13 -33.78 -1.32
N ASP A 344 30.82 -34.24 -0.28
CA ASP A 344 30.08 -34.67 0.91
C ASP A 344 29.57 -33.49 1.73
N ALA A 345 30.33 -32.40 1.77
CA ALA A 345 29.98 -31.26 2.61
C ALA A 345 28.74 -30.55 2.11
N LEU A 346 28.56 -30.47 0.78
CA LEU A 346 27.36 -29.86 0.20
C LEU A 346 26.11 -30.59 0.66
N GLU A 347 26.15 -31.93 0.62
CA GLU A 347 25.02 -32.75 1.03
C GLU A 347 24.73 -32.61 2.51
N PHE A 348 25.77 -32.69 3.33
CA PHE A 348 25.62 -32.63 4.79
C PHE A 348 25.05 -31.29 5.23
N TRP A 349 25.55 -30.20 4.66
CA TRP A 349 25.08 -28.89 5.11
C TRP A 349 23.75 -28.50 4.46
N LEU A 350 23.43 -29.05 3.29
CA LEU A 350 22.10 -28.83 2.73
C LEU A 350 21.04 -29.55 3.53
N GLN A 351 21.35 -30.75 4.05
CA GLN A 351 20.41 -31.44 4.93
C GLN A 351 20.31 -30.73 6.27
N ALA A 352 21.41 -30.18 6.77
CA ALA A 352 21.36 -29.43 8.02
C ALA A 352 20.63 -28.10 7.86
N GLY A 353 20.61 -27.53 6.67
CA GLY A 353 19.67 -26.46 6.38
C GLY A 353 20.18 -25.13 5.88
N VAL A 354 21.45 -25.04 5.42
CA VAL A 354 21.97 -23.78 4.92
C VAL A 354 21.37 -23.49 3.56
N ASP A 355 21.41 -22.23 3.16
CA ASP A 355 20.69 -21.77 1.99
C ASP A 355 21.56 -21.55 0.78
N GLY A 356 22.79 -22.07 0.80
CA GLY A 356 23.72 -21.79 -0.26
C GLY A 356 25.14 -22.07 0.18
N PHE A 357 26.06 -21.87 -0.76
CA PHE A 357 27.48 -22.09 -0.50
C PHE A 357 28.30 -21.06 -1.24
N GLN A 358 29.58 -21.00 -0.87
CA GLN A 358 30.57 -20.19 -1.54
C GLN A 358 31.89 -20.92 -1.53
N VAL A 359 32.53 -21.02 -2.68
CA VAL A 359 33.89 -21.54 -2.79
C VAL A 359 34.76 -20.43 -3.37
N ARG A 360 35.92 -20.21 -2.79
CA ARG A 360 36.78 -19.13 -3.19
C ARG A 360 38.05 -19.67 -3.83
N ASP A 361 38.70 -18.79 -4.59
CA ASP A 361 40.00 -19.03 -5.21
C ASP A 361 39.99 -20.22 -6.16
N ILE A 362 39.02 -20.22 -7.07
CA ILE A 362 38.85 -21.32 -8.01
C ILE A 362 39.86 -21.29 -9.15
N GLU A 363 40.73 -20.29 -9.19
CA GLU A 363 41.85 -20.32 -10.12
C GLU A 363 43.01 -21.15 -9.60
N ASN A 364 43.02 -21.50 -8.31
CA ASN A 364 43.97 -22.45 -7.77
C ASN A 364 43.44 -23.87 -7.78
N LEU A 365 42.27 -24.10 -8.34
CA LEU A 365 41.68 -25.43 -8.41
C LEU A 365 41.75 -25.92 -9.84
N LYS A 366 42.48 -27.01 -10.07
CA LYS A 366 42.54 -27.59 -11.40
C LYS A 366 41.26 -28.35 -11.68
N ASP A 367 40.89 -28.38 -12.96
CA ASP A 367 39.57 -28.83 -13.43
C ASP A 367 38.45 -28.06 -12.72
N ALA A 368 38.49 -26.74 -12.88
CA ALA A 368 37.56 -25.88 -12.19
C ALA A 368 36.15 -26.00 -12.76
N SER A 369 36.03 -25.89 -14.08
CA SER A 369 34.72 -25.85 -14.74
C SER A 369 33.97 -27.17 -14.64
N SER A 370 34.66 -28.26 -14.34
CA SER A 370 34.00 -29.54 -14.20
C SER A 370 33.41 -29.71 -12.81
N PHE A 371 34.16 -29.35 -11.77
CA PHE A 371 33.68 -29.48 -10.40
C PHE A 371 32.60 -28.47 -10.09
N LEU A 372 32.65 -27.29 -10.72
CA LEU A 372 31.63 -26.29 -10.48
C LEU A 372 30.29 -26.74 -11.03
N ALA A 373 30.30 -27.44 -12.17
CA ALA A 373 29.05 -27.95 -12.75
C ALA A 373 28.44 -29.03 -11.90
N GLU A 374 29.27 -29.90 -11.33
CA GLU A 374 28.79 -30.97 -10.46
C GLU A 374 28.21 -30.42 -9.16
N TRP A 375 28.90 -29.47 -8.54
CA TRP A 375 28.43 -28.88 -7.28
C TRP A 375 27.17 -28.05 -7.50
N GLN A 376 27.11 -27.33 -8.61
CA GLN A 376 25.91 -26.59 -9.00
C GLN A 376 24.74 -27.54 -9.24
N ASN A 377 25.02 -28.71 -9.81
CA ASN A 377 23.99 -29.72 -10.02
C ASN A 377 23.43 -30.25 -8.71
N ILE A 378 24.30 -30.60 -7.76
CA ILE A 378 23.84 -31.14 -6.49
C ILE A 378 23.03 -30.10 -5.72
N THR A 379 23.52 -28.86 -5.71
CA THR A 379 22.84 -27.78 -5.03
C THR A 379 21.50 -27.42 -5.66
N LYS A 380 21.40 -27.36 -6.99
CA LYS A 380 20.10 -27.18 -7.63
C LYS A 380 19.20 -28.39 -7.54
N GLY A 381 19.76 -29.60 -7.40
CA GLY A 381 18.95 -30.78 -7.30
C GLY A 381 18.29 -30.95 -5.97
N PHE A 382 18.91 -30.46 -4.90
CA PHE A 382 18.24 -30.43 -3.60
C PHE A 382 17.01 -29.53 -3.66
N SER A 383 17.19 -28.27 -3.99
CA SER A 383 16.08 -27.38 -4.22
C SER A 383 16.49 -26.32 -5.23
N GLU A 384 15.52 -25.56 -5.71
CA GLU A 384 15.84 -24.53 -6.69
C GLU A 384 15.97 -23.15 -6.07
N ASP A 385 15.67 -23.01 -4.77
CA ASP A 385 16.00 -21.79 -4.05
C ASP A 385 17.29 -21.92 -3.26
N ARG A 386 18.24 -22.68 -3.78
CA ARG A 386 19.58 -22.77 -3.26
C ARG A 386 20.54 -22.05 -4.20
N LEU A 387 21.70 -21.69 -3.69
CA LEU A 387 22.65 -20.85 -4.41
C LEU A 387 24.03 -21.44 -4.30
N LEU A 388 24.87 -21.19 -5.30
CA LEU A 388 26.28 -21.46 -5.22
C LEU A 388 27.01 -20.25 -5.75
N ILE A 389 27.95 -19.73 -4.97
CA ILE A 389 28.78 -18.60 -5.38
C ILE A 389 30.19 -19.11 -5.58
N ALA A 390 30.84 -18.68 -6.65
CA ALA A 390 32.25 -18.97 -6.87
C ALA A 390 33.02 -17.66 -6.88
N GLY A 391 34.25 -17.69 -6.39
CA GLY A 391 35.10 -16.50 -6.38
C GLY A 391 36.42 -16.77 -7.07
N THR A 392 36.91 -15.79 -7.80
CA THR A 392 38.20 -15.88 -8.45
C THR A 392 38.93 -14.55 -8.28
N ASN A 393 40.25 -14.57 -8.44
CA ASN A 393 41.01 -13.34 -8.40
C ASN A 393 41.30 -12.78 -9.78
N SER A 394 40.66 -13.33 -10.81
CA SER A 394 40.87 -12.91 -12.17
C SER A 394 40.32 -11.51 -12.40
N SER A 395 40.76 -10.88 -13.47
CA SER A 395 40.24 -9.61 -13.88
C SER A 395 40.02 -9.54 -15.37
N ASP A 396 40.37 -10.59 -16.11
CA ASP A 396 40.23 -10.63 -17.55
C ASP A 396 38.93 -11.33 -17.93
N LEU A 397 38.26 -10.76 -18.93
CA LEU A 397 36.90 -11.17 -19.27
C LEU A 397 36.85 -12.57 -19.87
N GLN A 398 37.96 -13.02 -20.46
CA GLN A 398 37.92 -14.29 -21.19
C GLN A 398 37.96 -15.48 -20.24
N GLN A 399 38.67 -15.37 -19.13
CA GLN A 399 38.64 -16.44 -18.12
C GLN A 399 37.31 -16.50 -17.39
N ILE A 400 36.78 -15.33 -17.02
CA ILE A 400 35.48 -15.21 -16.38
C ILE A 400 34.39 -15.79 -17.27
N LEU A 401 34.48 -15.52 -18.57
CA LEU A 401 33.55 -16.09 -19.52
C LEU A 401 33.78 -17.57 -19.74
N SER A 402 35.03 -18.02 -19.65
CA SER A 402 35.35 -19.43 -19.80
C SER A 402 34.82 -20.29 -18.67
N LEU A 403 34.72 -19.75 -17.46
CA LEU A 403 34.13 -20.48 -16.36
C LEU A 403 32.61 -20.50 -16.39
N LEU A 404 31.98 -19.73 -17.28
CA LEU A 404 30.54 -19.58 -17.28
C LEU A 404 29.95 -20.02 -18.60
N GLU A 405 30.48 -21.11 -19.18
CA GLU A 405 29.91 -21.62 -20.41
C GLU A 405 28.86 -22.69 -20.19
N SER A 406 29.20 -23.78 -19.52
CA SER A 406 28.17 -24.77 -19.18
C SER A 406 27.32 -24.32 -18.01
N ASN A 407 27.95 -23.72 -17.02
CA ASN A 407 27.27 -23.12 -15.88
C ASN A 407 26.79 -21.74 -16.28
N LYS A 408 25.53 -21.45 -16.00
CA LYS A 408 25.00 -20.12 -16.23
C LYS A 408 24.11 -19.64 -15.09
N ASP A 409 23.80 -20.49 -14.12
CA ASP A 409 23.04 -20.14 -12.94
C ASP A 409 23.98 -19.76 -11.79
N LEU A 410 25.27 -19.69 -12.05
CA LEU A 410 26.27 -19.51 -11.01
C LEU A 410 26.51 -18.03 -10.78
N LEU A 411 26.47 -17.59 -9.52
CA LEU A 411 26.99 -16.27 -9.18
C LEU A 411 28.50 -16.36 -9.08
N LEU A 412 29.20 -15.43 -9.70
CA LEU A 412 30.66 -15.49 -9.74
C LEU A 412 31.23 -14.12 -9.42
N THR A 413 32.00 -14.02 -8.35
CA THR A 413 32.60 -12.78 -7.91
C THR A 413 34.06 -12.72 -8.31
N SER A 414 34.51 -11.56 -8.77
CA SER A 414 35.82 -11.45 -9.40
C SER A 414 36.35 -10.05 -9.21
N SER A 415 37.56 -9.82 -9.69
CA SER A 415 38.23 -8.53 -9.62
C SER A 415 38.10 -7.75 -10.92
N TYR A 416 36.98 -7.94 -11.61
CA TYR A 416 36.80 -7.42 -12.96
C TYR A 416 36.62 -5.91 -12.96
N LEU A 417 35.98 -5.35 -11.95
CA LEU A 417 35.76 -3.92 -11.87
C LEU A 417 36.79 -3.21 -11.02
N SER A 418 37.66 -3.93 -10.35
CA SER A 418 38.63 -3.34 -9.46
C SER A 418 39.91 -2.93 -10.16
N ASP A 419 39.98 -3.04 -11.48
CA ASP A 419 41.17 -2.69 -12.24
C ASP A 419 41.39 -1.19 -12.19
N SER A 420 40.47 -0.43 -12.78
CA SER A 420 40.62 1.00 -12.91
C SER A 420 39.22 1.59 -13.08
N GLY A 421 39.15 2.81 -13.62
CA GLY A 421 37.97 3.63 -13.52
C GLY A 421 38.37 5.04 -13.14
N SER A 422 39.64 5.34 -13.41
CA SER A 422 40.13 6.71 -13.39
C SER A 422 39.33 7.60 -14.34
N THR A 423 38.87 7.03 -15.44
CA THR A 423 37.91 7.65 -16.33
C THR A 423 36.61 6.85 -16.30
N GLY A 424 35.49 7.58 -16.36
CA GLY A 424 34.18 6.97 -16.22
C GLY A 424 33.71 6.17 -17.41
N GLU A 425 34.14 6.56 -18.62
CA GLU A 425 33.80 5.80 -19.80
C GLU A 425 34.51 4.45 -19.82
N HIS A 426 35.59 4.31 -19.05
CA HIS A 426 36.21 3.01 -18.88
C HIS A 426 35.31 2.08 -18.06
N THR A 427 34.71 2.58 -16.98
CA THR A 427 33.77 1.78 -16.21
C THR A 427 32.51 1.48 -17.00
N LYS A 428 32.06 2.45 -17.80
CA LYS A 428 30.94 2.22 -18.71
C LYS A 428 31.25 1.13 -19.72
N SER A 429 32.49 1.13 -20.25
CA SER A 429 32.91 0.10 -21.19
C SER A 429 32.96 -1.27 -20.54
N LEU A 430 33.42 -1.33 -19.29
CA LEU A 430 33.49 -2.61 -18.59
C LEU A 430 32.11 -3.18 -18.34
N VAL A 431 31.17 -2.34 -17.88
CA VAL A 431 29.83 -2.80 -17.55
C VAL A 431 29.08 -3.22 -18.81
N THR A 432 29.11 -2.40 -19.85
CA THR A 432 28.39 -2.74 -21.08
C THR A 432 29.04 -3.88 -21.83
N GLN A 433 30.38 -4.02 -21.76
CA GLN A 433 31.03 -5.14 -22.41
C GLN A 433 30.72 -6.44 -21.72
N TYR A 434 30.66 -6.45 -20.38
CA TYR A 434 30.25 -7.66 -19.65
C TYR A 434 28.81 -8.05 -20.00
N LEU A 435 27.89 -7.07 -19.98
CA LEU A 435 26.50 -7.39 -20.25
C LEU A 435 26.26 -7.77 -21.70
N ASN A 436 27.07 -7.27 -22.63
CA ASN A 436 26.95 -7.68 -24.02
C ASN A 436 27.55 -9.06 -24.23
N ALA A 437 28.66 -9.36 -23.56
CA ALA A 437 29.34 -10.61 -23.77
C ALA A 437 28.61 -11.78 -23.13
N THR A 438 27.81 -11.55 -22.10
CA THR A 438 27.08 -12.67 -21.53
C THR A 438 25.61 -12.69 -21.93
N GLY A 439 25.13 -11.68 -22.65
CA GLY A 439 23.78 -11.75 -23.17
C GLY A 439 22.72 -11.34 -22.17
N ASN A 440 23.09 -10.40 -21.28
CA ASN A 440 22.20 -9.83 -20.26
C ASN A 440 21.60 -10.89 -19.35
N ARG A 441 22.43 -11.83 -18.92
CA ARG A 441 22.06 -12.82 -17.95
C ARG A 441 22.19 -12.22 -16.56
N TRP A 442 21.75 -12.96 -15.54
CA TRP A 442 21.83 -12.46 -14.17
C TRP A 442 23.27 -12.60 -13.67
N CYS A 443 23.85 -11.50 -13.23
CA CYS A 443 25.22 -11.46 -12.74
C CYS A 443 25.25 -10.92 -11.32
N SER A 444 26.45 -10.90 -10.76
CA SER A 444 26.73 -10.27 -9.48
C SER A 444 27.67 -9.11 -9.70
N TRP A 445 27.59 -8.10 -8.86
CA TRP A 445 28.41 -6.92 -8.98
C TRP A 445 29.13 -6.70 -7.66
N SER A 446 30.46 -6.64 -7.72
CA SER A 446 31.27 -6.41 -6.55
C SER A 446 32.59 -5.87 -7.03
N LEU A 447 33.48 -5.58 -6.09
CA LEU A 447 34.83 -5.22 -6.46
C LEU A 447 35.85 -6.31 -6.19
N SER A 448 35.50 -7.30 -5.38
CA SER A 448 36.46 -8.32 -5.05
C SER A 448 35.73 -9.62 -4.79
N GLN A 449 36.49 -10.67 -4.54
CA GLN A 449 35.91 -11.87 -4.00
C GLN A 449 35.88 -11.88 -2.48
N ALA A 450 36.73 -11.10 -1.83
CA ALA A 450 36.66 -11.03 -0.38
C ALA A 450 36.98 -9.68 0.25
N ARG A 451 37.28 -8.64 -0.51
CA ARG A 451 37.92 -7.46 0.07
C ARG A 451 37.00 -6.25 0.11
N LEU A 452 37.41 -5.27 0.91
CA LEU A 452 36.65 -4.05 1.13
C LEU A 452 36.74 -3.14 -0.08
N LEU A 453 35.83 -2.17 -0.15
CA LEU A 453 35.88 -1.20 -1.22
C LEU A 453 37.02 -0.22 -1.01
N THR A 454 37.44 -0.01 0.24
CA THR A 454 38.55 0.88 0.54
C THR A 454 39.89 0.18 0.45
N SER A 455 39.93 -1.01 -0.13
CA SER A 455 41.17 -1.57 -0.62
C SER A 455 41.52 -1.07 -2.02
N PHE A 456 40.55 -0.50 -2.74
CA PHE A 456 40.75 -0.13 -4.13
C PHE A 456 40.39 1.31 -4.46
N LEU A 457 39.57 1.95 -3.67
CA LEU A 457 39.11 3.27 -4.05
C LEU A 457 39.52 4.31 -3.01
N PRO A 458 39.80 5.54 -3.43
CA PRO A 458 39.92 6.63 -2.48
C PRO A 458 38.57 6.91 -1.83
N ALA A 459 38.61 7.58 -0.69
CA ALA A 459 37.41 7.81 0.10
C ALA A 459 36.44 8.78 -0.56
N GLN A 460 36.86 9.50 -1.57
CA GLN A 460 35.95 10.39 -2.29
C GLN A 460 35.19 9.71 -3.41
N LEU A 461 35.36 8.39 -3.59
CA LEU A 461 34.63 7.67 -4.62
C LEU A 461 33.70 6.61 -4.04
N LEU A 462 33.56 6.52 -2.72
CA LEU A 462 32.82 5.42 -2.13
C LEU A 462 31.32 5.59 -2.29
N ARG A 463 30.84 6.83 -2.22
CA ARG A 463 29.42 7.09 -2.42
C ARG A 463 29.01 6.86 -3.87
N LEU A 464 29.89 7.20 -4.80
CA LEU A 464 29.63 7.00 -6.21
C LEU A 464 29.55 5.53 -6.56
N TYR A 465 30.47 4.74 -6.04
CA TYR A 465 30.48 3.30 -6.26
C TYR A 465 29.35 2.61 -5.53
N GLN A 466 28.89 3.17 -4.41
CA GLN A 466 27.72 2.58 -3.77
C GLN A 466 26.42 2.93 -4.47
N LEU A 467 26.35 4.07 -5.12
CA LEU A 467 25.19 4.33 -5.96
C LEU A 467 25.21 3.47 -7.20
N MET A 468 26.39 3.18 -7.75
CA MET A 468 26.50 2.34 -8.94
C MET A 468 26.16 0.89 -8.63
N LEU A 469 26.67 0.36 -7.54
CA LEU A 469 26.49 -1.06 -7.26
C LEU A 469 25.05 -1.44 -6.92
N PHE A 470 24.25 -0.49 -6.48
CA PHE A 470 22.86 -0.75 -6.15
C PHE A 470 21.89 -0.57 -7.30
N THR A 471 22.30 0.09 -8.39
CA THR A 471 21.38 0.36 -9.47
C THR A 471 21.81 -0.30 -10.78
N LEU A 472 22.68 -1.20 -10.73
CA LEU A 472 23.04 -2.07 -11.84
C LEU A 472 22.25 -3.36 -11.75
N PRO A 473 21.86 -3.97 -12.87
CA PRO A 473 21.00 -5.16 -12.85
C PRO A 473 21.64 -6.49 -12.43
N GLY A 474 21.77 -6.69 -11.13
CA GLY A 474 22.29 -7.94 -10.65
C GLY A 474 22.27 -7.99 -9.15
N THR A 475 23.15 -8.77 -8.54
CA THR A 475 23.21 -8.88 -7.10
C THR A 475 24.42 -8.13 -6.58
N PRO A 476 24.24 -7.03 -5.84
CA PRO A 476 25.40 -6.37 -5.23
C PRO A 476 25.90 -7.16 -4.03
N VAL A 477 27.21 -7.34 -3.95
CA VAL A 477 27.81 -8.08 -2.84
C VAL A 477 28.86 -7.21 -2.17
N PHE A 478 28.78 -7.10 -0.85
CA PHE A 478 29.64 -6.25 -0.03
C PHE A 478 30.23 -7.09 1.10
N SER A 479 31.37 -6.67 1.62
CA SER A 479 31.88 -7.21 2.88
C SER A 479 31.46 -6.32 4.04
N TYR A 480 31.72 -6.79 5.26
CA TYR A 480 31.37 -6.04 6.46
C TYR A 480 32.25 -4.81 6.59
N GLY A 481 31.64 -3.68 6.90
CA GLY A 481 32.34 -2.43 6.96
C GLY A 481 32.28 -1.60 5.71
N ASP A 482 31.68 -2.12 4.65
CA ASP A 482 31.53 -1.32 3.44
C ASP A 482 30.46 -0.27 3.60
N GLU A 483 29.53 -0.46 4.51
CA GLU A 483 28.43 0.46 4.71
C GLU A 483 28.82 1.67 5.56
N ILE A 484 29.85 1.57 6.39
CA ILE A 484 30.35 2.74 7.11
C ILE A 484 31.60 3.31 6.47
N GLY A 485 32.23 2.57 5.56
CA GLY A 485 33.45 3.04 4.96
C GLY A 485 34.68 2.68 5.74
N LEU A 486 34.69 1.49 6.31
CA LEU A 486 35.79 1.05 7.16
C LEU A 486 37.07 0.87 6.36
N ASP A 487 38.15 1.47 6.85
CA ASP A 487 39.45 1.41 6.20
C ASP A 487 40.42 0.67 7.11
N ALA A 488 41.11 -0.31 6.54
CA ALA A 488 42.09 -1.06 7.32
C ALA A 488 43.42 -0.34 7.44
N ALA A 489 43.62 0.73 6.68
CA ALA A 489 44.82 1.54 6.78
C ALA A 489 44.56 2.88 7.46
N ALA A 490 43.37 3.09 7.99
CA ALA A 490 43.04 4.32 8.71
C ALA A 490 43.56 4.33 10.13
N LEU A 491 44.00 3.17 10.62
CA LEU A 491 44.52 3.05 11.98
C LEU A 491 45.86 2.31 12.06
N PRO A 492 46.44 2.27 13.32
CA PRO A 492 47.74 1.57 13.39
C PRO A 492 47.72 0.11 12.91
N GLY A 493 48.85 -0.57 13.10
CA GLY A 493 49.03 -1.96 12.71
C GLY A 493 47.78 -2.82 12.78
N GLN A 494 47.70 -3.83 11.92
CA GLN A 494 46.52 -4.68 11.90
C GLN A 494 46.56 -5.51 10.63
N PRO A 495 46.04 -6.74 10.64
CA PRO A 495 45.87 -7.48 9.37
C PRO A 495 44.80 -6.80 8.53
N MET A 496 45.17 -6.42 7.31
CA MET A 496 44.21 -5.72 6.47
C MET A 496 43.24 -6.67 5.78
N GLU A 497 43.48 -7.98 5.87
CA GLU A 497 42.51 -8.94 5.38
C GLU A 497 41.32 -9.07 6.32
N ALA A 498 41.49 -8.65 7.57
CA ALA A 498 40.44 -8.75 8.58
C ALA A 498 40.59 -7.63 9.60
N PRO A 499 40.08 -6.43 9.29
CA PRO A 499 40.07 -5.37 10.28
C PRO A 499 38.93 -5.58 11.26
N VAL A 500 38.89 -4.76 12.29
CA VAL A 500 37.84 -4.89 13.30
C VAL A 500 36.71 -3.93 12.95
N MET A 501 35.48 -4.37 13.19
CA MET A 501 34.34 -3.52 12.96
C MET A 501 34.25 -2.52 14.10
N LEU A 502 33.93 -1.27 13.78
CA LEU A 502 33.88 -0.19 14.76
C LEU A 502 32.42 0.06 15.12
N TRP A 503 31.91 -0.73 16.08
CA TRP A 503 30.55 -0.54 16.55
C TRP A 503 30.40 0.75 17.33
N ASP A 504 31.20 0.92 18.37
CA ASP A 504 31.19 2.09 19.24
C ASP A 504 32.58 2.69 19.28
N GLU A 505 32.83 3.63 20.21
CA GLU A 505 34.15 4.24 20.30
C GLU A 505 35.11 3.46 21.19
N SER A 506 34.65 2.43 21.87
CA SER A 506 35.56 1.52 22.57
C SER A 506 35.70 0.19 21.87
N SER A 507 35.52 0.17 20.54
CA SER A 507 35.61 -1.08 19.81
C SER A 507 37.05 -1.53 19.62
N PHE A 508 37.97 -0.58 19.47
CA PHE A 508 39.39 -0.91 19.38
C PHE A 508 40.06 -0.57 20.70
N PRO A 509 40.37 -1.57 21.54
CA PRO A 509 40.94 -1.27 22.85
C PRO A 509 42.37 -0.77 22.78
N ASP A 510 43.18 -1.31 21.87
CA ASP A 510 44.59 -0.87 21.72
C ASP A 510 44.71 0.51 21.08
N ILE A 511 45.78 1.27 21.42
CA ILE A 511 45.99 2.64 20.92
C ILE A 511 44.66 3.34 21.18
N PRO A 512 44.44 3.70 22.42
CA PRO A 512 43.11 4.18 22.82
C PRO A 512 42.88 5.64 22.48
N GLY A 513 41.67 5.92 22.01
CA GLY A 513 41.28 7.25 21.56
C GLY A 513 41.51 7.53 20.10
N ALA A 514 42.02 6.57 19.34
CA ALA A 514 42.32 6.77 17.93
C ALA A 514 41.09 6.70 17.03
N VAL A 515 39.98 6.16 17.52
CA VAL A 515 38.76 6.09 16.72
C VAL A 515 37.86 7.27 17.06
N SER A 516 37.48 8.05 16.04
CA SER A 516 36.59 9.17 16.25
C SER A 516 35.14 8.69 16.19
N ALA A 517 34.20 9.64 16.10
CA ALA A 517 32.79 9.28 16.23
C ALA A 517 32.13 9.07 14.88
N ASN A 518 32.57 9.79 13.86
CA ASN A 518 32.08 9.60 12.50
C ASN A 518 32.76 8.46 11.78
N MET A 519 33.52 7.62 12.49
CA MET A 519 34.10 6.41 11.95
C MET A 519 33.41 5.16 12.46
N THR A 520 32.32 5.31 13.20
CA THR A 520 31.69 4.21 13.91
C THR A 520 30.28 3.98 13.40
N VAL A 521 29.72 2.83 13.77
CA VAL A 521 28.33 2.53 13.39
C VAL A 521 27.39 3.46 14.15
N LYS A 522 27.60 3.57 15.47
CA LYS A 522 26.73 4.36 16.32
C LYS A 522 26.75 5.85 16.00
N GLY A 523 27.92 6.42 15.72
CA GLY A 523 28.01 7.82 15.43
C GLY A 523 27.63 8.20 14.02
N GLN A 524 27.47 7.21 13.14
CA GLN A 524 27.04 7.48 11.76
C GLN A 524 25.56 7.29 11.54
N SER A 525 24.84 6.69 12.50
CA SER A 525 23.41 6.48 12.33
C SER A 525 22.60 7.75 12.53
N GLU A 526 23.18 8.78 13.15
CA GLU A 526 22.46 10.03 13.39
C GLU A 526 22.73 11.07 12.32
N ASP A 527 23.93 11.07 11.75
CA ASP A 527 24.25 12.01 10.70
C ASP A 527 23.44 11.66 9.46
N PRO A 528 22.57 12.55 8.97
CA PRO A 528 21.79 12.21 7.77
C PRO A 528 22.54 12.41 6.49
N GLY A 529 23.83 12.70 6.54
CA GLY A 529 24.65 12.83 5.36
C GLY A 529 25.86 11.93 5.44
N SER A 530 25.72 10.85 6.21
CA SER A 530 26.79 9.88 6.36
C SER A 530 26.72 8.85 5.25
N LEU A 531 27.60 7.85 5.32
CA LEU A 531 27.69 6.81 4.33
C LEU A 531 26.74 5.66 4.66
N LEU A 532 26.56 5.39 5.95
CA LEU A 532 25.57 4.43 6.44
C LEU A 532 24.15 4.85 6.08
N SER A 533 23.89 6.16 6.03
CA SER A 533 22.57 6.62 5.64
C SER A 533 22.31 6.44 4.16
N LEU A 534 23.35 6.63 3.34
CA LEU A 534 23.22 6.40 1.91
C LEU A 534 23.02 4.91 1.62
N PHE A 535 23.76 4.04 2.31
CA PHE A 535 23.56 2.60 2.19
C PHE A 535 22.16 2.20 2.58
N ARG A 536 21.62 2.78 3.65
CA ARG A 536 20.29 2.41 4.10
C ARG A 536 19.20 2.93 3.18
N ARG A 537 19.41 4.07 2.54
CA ARG A 537 18.38 4.56 1.62
C ARG A 537 18.40 3.79 0.31
N LEU A 538 19.60 3.55 -0.23
CA LEU A 538 19.76 2.81 -1.47
C LEU A 538 19.29 1.37 -1.34
N SER A 539 19.60 0.70 -0.24
CA SER A 539 19.15 -0.67 -0.09
C SER A 539 17.67 -0.78 0.23
N ASP A 540 17.02 0.31 0.62
CA ASP A 540 15.56 0.30 0.68
C ASP A 540 14.97 0.44 -0.71
N GLN A 541 15.53 1.32 -1.55
CA GLN A 541 15.00 1.47 -2.90
C GLN A 541 15.29 0.27 -3.79
N ARG A 542 16.33 -0.51 -3.51
CA ARG A 542 16.67 -1.63 -4.38
C ARG A 542 15.73 -2.80 -4.17
N SER A 543 15.26 -3.00 -2.95
CA SER A 543 14.44 -4.16 -2.65
C SER A 543 12.94 -3.92 -2.82
N LYS A 544 12.51 -2.79 -3.37
CA LYS A 544 11.07 -2.61 -3.55
C LYS A 544 10.64 -2.09 -4.91
N GLU A 545 11.51 -1.43 -5.65
CA GLU A 545 11.12 -0.87 -6.94
C GLU A 545 11.28 -1.90 -8.04
N ARG A 546 10.23 -2.13 -8.81
CA ARG A 546 10.24 -3.20 -9.79
C ARG A 546 11.15 -2.93 -10.98
N SER A 547 11.41 -1.68 -11.31
CA SER A 547 12.37 -1.41 -12.37
C SER A 547 13.80 -1.47 -11.88
N LEU A 548 14.04 -1.49 -10.57
CA LEU A 548 15.34 -1.80 -10.00
C LEU A 548 15.44 -3.23 -9.52
N LEU A 549 14.37 -4.00 -9.58
CA LEU A 549 14.39 -5.40 -9.20
C LEU A 549 14.54 -6.29 -10.41
N HIS A 550 13.84 -6.01 -11.50
CA HIS A 550 14.02 -6.75 -12.73
C HIS A 550 13.83 -5.88 -13.95
N GLY A 551 14.13 -4.62 -13.86
CA GLY A 551 13.99 -3.75 -15.00
C GLY A 551 15.07 -3.96 -16.04
N ASP A 552 14.94 -3.23 -17.14
CA ASP A 552 15.88 -3.34 -18.24
C ASP A 552 16.89 -2.21 -18.15
N PHE A 553 18.14 -2.54 -18.43
CA PHE A 553 19.25 -1.62 -18.34
C PHE A 553 19.53 -1.07 -19.72
N HIS A 554 19.72 0.24 -19.83
CA HIS A 554 20.13 0.84 -21.08
C HIS A 554 21.02 2.03 -20.77
N ALA A 555 22.20 2.06 -21.37
CA ALA A 555 23.12 3.16 -21.18
C ALA A 555 23.16 4.02 -22.43
N PHE A 556 23.38 5.32 -22.25
CA PHE A 556 23.48 6.21 -23.39
C PHE A 556 24.67 7.13 -23.21
N SER A 557 25.04 7.79 -24.31
CA SER A 557 26.23 8.61 -24.34
C SER A 557 25.98 9.97 -23.71
N ALA A 558 27.02 10.49 -23.08
CA ALA A 558 26.93 11.74 -22.35
C ALA A 558 28.27 12.47 -22.52
N GLY A 559 28.55 13.41 -21.62
CA GLY A 559 29.74 14.21 -21.72
C GLY A 559 31.01 13.43 -21.43
N PRO A 560 32.15 14.12 -21.50
CA PRO A 560 33.45 13.46 -21.30
C PRO A 560 33.76 13.18 -19.84
N GLY A 561 33.45 11.97 -19.39
CA GLY A 561 33.82 11.55 -18.06
C GLY A 561 32.63 11.17 -17.22
N LEU A 562 31.48 10.98 -17.88
CA LEU A 562 30.24 10.63 -17.22
C LEU A 562 29.89 9.17 -17.50
N PHE A 563 28.89 8.68 -16.76
CA PHE A 563 28.32 7.35 -16.97
C PHE A 563 26.86 7.50 -16.59
N SER A 564 25.98 7.38 -17.58
CA SER A 564 24.56 7.57 -17.37
C SER A 564 23.79 6.38 -17.91
N TYR A 565 22.75 5.97 -17.19
CA TYR A 565 21.93 4.85 -17.64
C TYR A 565 20.55 4.92 -17.00
N ILE A 566 19.65 4.08 -17.50
CA ILE A 566 18.25 4.08 -17.10
C ILE A 566 17.81 2.64 -16.84
N ARG A 567 16.96 2.46 -15.84
CA ARG A 567 16.36 1.17 -15.51
C ARG A 567 14.85 1.28 -15.55
N HIS A 568 14.20 0.47 -16.37
CA HIS A 568 12.76 0.58 -16.62
C HIS A 568 12.15 -0.80 -16.78
N TRP A 569 11.02 -1.06 -16.12
CA TRP A 569 10.44 -2.37 -16.33
C TRP A 569 9.29 -2.38 -17.33
N ASP A 570 8.11 -1.91 -16.96
CA ASP A 570 6.98 -1.99 -17.88
C ASP A 570 6.21 -0.70 -17.97
N GLN A 571 5.59 -0.34 -16.86
CA GLN A 571 4.78 0.84 -16.71
C GLN A 571 4.99 1.45 -15.34
N ASN A 572 6.06 1.07 -14.65
CA ASN A 572 6.34 1.52 -13.31
C ASN A 572 7.20 2.78 -13.36
N GLU A 573 7.61 3.23 -12.19
CA GLU A 573 8.52 4.37 -12.08
C GLU A 573 9.87 4.04 -12.66
N ARG A 574 10.39 4.92 -13.51
CA ARG A 574 11.68 4.74 -14.13
C ARG A 574 12.75 5.53 -13.39
N PHE A 575 13.98 5.02 -13.42
CA PHE A 575 15.08 5.61 -12.69
C PHE A 575 16.16 6.05 -13.66
N LEU A 576 16.72 7.22 -13.41
CA LEU A 576 17.84 7.73 -14.17
C LEU A 576 19.00 7.93 -13.22
N VAL A 577 20.16 7.37 -13.55
CA VAL A 577 21.36 7.49 -12.73
C VAL A 577 22.42 8.19 -13.55
N VAL A 578 22.96 9.29 -13.02
CA VAL A 578 24.05 10.02 -13.66
C VAL A 578 25.18 10.10 -12.65
N LEU A 579 26.38 9.67 -13.07
CA LEU A 579 27.55 9.55 -12.21
C LEU A 579 28.71 10.31 -12.82
N ASN A 580 29.54 10.93 -11.99
CA ASN A 580 30.64 11.75 -12.45
C ASN A 580 31.95 11.23 -11.86
N PHE A 581 32.71 10.49 -12.66
CA PHE A 581 34.01 9.98 -12.26
C PHE A 581 35.13 10.93 -12.66
N GLY A 582 35.02 12.20 -12.29
CA GLY A 582 35.97 13.19 -12.76
C GLY A 582 36.27 14.22 -11.69
N ASP A 583 37.48 14.76 -11.74
CA ASP A 583 37.93 15.77 -10.79
C ASP A 583 37.74 17.19 -11.31
N VAL A 584 36.60 17.45 -11.94
CA VAL A 584 36.31 18.71 -12.65
C VAL A 584 34.80 18.86 -12.72
N GLY A 585 34.35 20.10 -12.88
CA GLY A 585 32.92 20.34 -13.01
C GLY A 585 32.39 19.87 -14.35
N LEU A 586 31.18 19.31 -14.36
CA LEU A 586 30.57 18.82 -15.58
C LEU A 586 29.14 19.32 -15.72
N SER A 587 28.80 19.72 -16.93
CA SER A 587 27.42 19.78 -17.36
C SER A 587 27.13 18.53 -18.17
N ALA A 588 25.98 17.89 -17.92
CA ALA A 588 25.77 16.54 -18.39
C ALA A 588 25.44 16.50 -19.88
N GLY A 589 24.33 17.10 -20.27
CA GLY A 589 23.92 17.09 -21.66
C GLY A 589 23.55 15.71 -22.17
N LEU A 590 22.43 15.18 -21.70
CA LEU A 590 22.08 13.77 -21.91
C LEU A 590 21.64 13.56 -23.35
N GLN A 591 22.62 13.24 -24.20
CA GLN A 591 22.41 13.03 -25.63
C GLN A 591 21.88 11.62 -25.83
N ALA A 592 20.64 11.40 -25.41
CA ALA A 592 20.10 10.05 -25.44
C ALA A 592 19.87 9.52 -26.85
N SER A 593 18.79 9.95 -27.50
CA SER A 593 18.45 9.79 -28.91
C SER A 593 18.39 8.35 -29.41
N ASP A 594 18.66 7.35 -28.56
CA ASP A 594 18.73 5.95 -28.97
C ASP A 594 17.99 5.04 -28.00
N LEU A 595 17.28 5.62 -27.04
CA LEU A 595 16.58 4.85 -26.04
C LEU A 595 15.38 4.14 -26.65
N PRO A 596 14.83 3.12 -25.98
CA PRO A 596 13.55 2.59 -26.44
C PRO A 596 12.45 3.62 -26.24
N ALA A 597 11.38 3.44 -27.02
CA ALA A 597 10.23 4.33 -26.95
C ALA A 597 9.50 4.22 -25.62
N SER A 598 9.59 3.07 -24.96
CA SER A 598 9.01 2.87 -23.64
C SER A 598 9.76 3.57 -22.53
N ALA A 599 10.97 4.05 -22.79
CA ALA A 599 11.82 4.68 -21.79
C ALA A 599 12.47 5.94 -22.33
N SER A 600 11.74 6.73 -23.10
CA SER A 600 12.32 7.97 -23.58
C SER A 600 12.31 9.01 -22.48
N LEU A 601 13.21 9.98 -22.58
CA LEU A 601 13.46 10.87 -21.47
C LEU A 601 12.45 12.02 -21.45
N PRO A 602 11.92 12.37 -20.27
CA PRO A 602 11.07 13.55 -20.19
C PRO A 602 11.89 14.84 -20.20
N ALA A 603 11.22 15.98 -20.02
CA ALA A 603 11.93 17.24 -19.92
C ALA A 603 12.33 17.57 -18.49
N LYS A 604 11.62 17.02 -17.51
CA LYS A 604 11.81 17.33 -16.11
C LYS A 604 11.60 16.06 -15.28
N ALA A 605 12.50 15.83 -14.32
CA ALA A 605 12.45 14.64 -13.48
C ALA A 605 12.73 14.99 -12.04
N ASP A 606 12.26 14.14 -11.13
CA ASP A 606 12.39 14.36 -9.69
C ASP A 606 13.81 14.15 -9.20
N LEU A 607 13.96 14.05 -7.88
CA LEU A 607 15.23 13.65 -7.31
C LEU A 607 14.95 12.69 -6.17
N LEU A 608 15.82 11.69 -6.01
CA LEU A 608 15.79 10.85 -4.82
C LEU A 608 16.90 11.19 -3.84
N LEU A 609 18.12 11.38 -4.34
CA LEU A 609 19.28 11.67 -3.51
C LEU A 609 20.41 12.20 -4.38
N SER A 610 21.45 12.69 -3.70
CA SER A 610 22.74 12.95 -4.30
C SER A 610 23.80 12.52 -3.30
N THR A 611 25.02 12.38 -3.77
CA THR A 611 26.10 11.94 -2.91
C THR A 611 26.69 13.09 -2.12
N GLN A 612 26.58 14.30 -2.63
CA GLN A 612 27.17 15.46 -2.03
C GLN A 612 26.10 16.47 -1.64
N PRO A 613 26.29 17.21 -0.55
CA PRO A 613 25.25 18.17 -0.12
C PRO A 613 25.18 19.39 -1.02
N GLY A 614 24.02 20.03 -0.98
CA GLY A 614 23.80 21.22 -1.79
C GLY A 614 22.43 21.22 -2.42
N ARG A 615 21.78 20.07 -2.40
CA ARG A 615 20.46 19.89 -2.97
C ARG A 615 19.54 19.29 -1.91
N GLU A 616 18.24 19.53 -2.04
CA GLU A 616 17.25 18.81 -1.29
C GLU A 616 16.25 18.16 -2.24
N GLU A 617 15.76 17.00 -1.84
CA GLU A 617 15.15 16.06 -2.75
C GLU A 617 13.64 16.18 -2.75
N GLY A 618 13.06 15.78 -3.88
CA GLY A 618 11.67 15.95 -4.18
C GLY A 618 11.40 17.05 -5.17
N SER A 619 12.41 17.85 -5.47
CA SER A 619 12.13 19.00 -6.31
C SER A 619 12.53 18.71 -7.76
N PRO A 620 11.56 18.77 -8.67
CA PRO A 620 11.80 18.33 -10.05
C PRO A 620 12.69 19.27 -10.84
N LEU A 621 13.77 18.71 -11.36
CA LEU A 621 14.83 19.47 -12.02
C LEU A 621 14.81 19.20 -13.51
N GLU A 622 15.20 20.20 -14.30
CA GLU A 622 15.12 20.12 -15.75
C GLU A 622 16.44 19.61 -16.31
N LEU A 623 16.34 18.67 -17.24
CA LEU A 623 17.50 17.89 -17.69
C LEU A 623 18.13 18.45 -18.95
N GLU A 624 18.35 19.75 -19.03
CA GLU A 624 19.11 20.26 -20.16
C GLU A 624 20.25 21.16 -19.74
N ARG A 625 20.04 22.01 -18.76
CA ARG A 625 21.14 22.61 -18.00
C ARG A 625 21.34 21.88 -16.68
N LEU A 626 21.72 20.60 -16.78
CA LEU A 626 22.04 19.77 -15.63
C LEU A 626 23.54 19.85 -15.40
N LYS A 627 23.93 20.31 -14.22
CA LYS A 627 25.33 20.58 -13.88
C LYS A 627 25.75 19.70 -12.72
N LEU A 628 26.99 19.19 -12.76
CA LEU A 628 27.51 18.32 -11.72
C LEU A 628 28.81 18.84 -11.15
N GLU A 629 28.85 18.99 -9.82
CA GLU A 629 30.09 19.21 -9.12
C GLU A 629 30.89 17.91 -9.07
N PRO A 630 32.21 17.96 -8.83
CA PRO A 630 33.03 16.74 -8.93
C PRO A 630 32.67 15.65 -7.94
N HIS A 631 32.78 14.40 -8.42
CA HIS A 631 32.52 13.16 -7.68
C HIS A 631 31.08 13.12 -7.15
N GLU A 632 30.13 13.45 -8.01
CA GLU A 632 28.74 13.52 -7.61
C GLU A 632 27.90 12.53 -8.43
N GLY A 633 26.93 11.92 -7.78
CA GLY A 633 25.99 11.05 -8.46
C GLY A 633 24.57 11.42 -8.09
N LEU A 634 23.65 11.22 -9.04
CA LEU A 634 22.26 11.60 -8.84
C LEU A 634 21.32 10.43 -9.14
N LEU A 635 20.15 10.47 -8.50
CA LEU A 635 19.13 9.43 -8.59
C LEU A 635 17.78 10.07 -8.98
N LEU A 636 17.75 10.70 -10.15
CA LEU A 636 16.49 11.21 -10.72
C LEU A 636 15.48 10.09 -10.95
N ARG A 637 14.22 10.47 -11.14
CA ARG A 637 13.13 9.51 -11.24
C ARG A 637 11.97 10.12 -12.00
N PHE A 638 11.23 9.28 -12.74
CA PHE A 638 10.14 9.78 -13.55
C PHE A 638 9.13 8.69 -13.84
N PRO A 639 7.84 9.00 -13.98
CA PRO A 639 6.83 7.94 -14.15
C PRO A 639 6.58 7.60 -15.60
N TYR A 640 5.78 6.55 -15.79
CA TYR A 640 5.48 6.04 -17.12
C TYR A 640 4.54 6.99 -17.85
N ALA A 641 4.97 7.43 -19.02
CA ALA A 641 4.17 8.34 -19.84
C ALA A 641 4.55 8.08 -21.29
N ALA A 642 4.26 9.03 -22.16
CA ALA A 642 4.62 8.92 -23.57
C ALA A 642 5.36 10.17 -24.05
N GLN B 48 -53.79 6.22 -0.83
CA GLN B 48 -53.11 7.38 -0.28
C GLN B 48 -51.65 7.40 -0.72
N VAL B 49 -51.23 8.51 -1.30
CA VAL B 49 -49.86 8.64 -1.81
C VAL B 49 -48.99 9.03 -0.61
N LYS B 50 -48.45 8.03 0.06
CA LYS B 50 -47.43 8.23 1.08
C LYS B 50 -46.27 7.29 0.77
N LEU B 51 -45.30 7.17 1.68
CA LEU B 51 -44.03 6.56 1.32
C LEU B 51 -43.96 5.08 1.70
N LYS B 52 -45.03 4.51 2.28
CA LYS B 52 -45.27 3.06 2.31
C LYS B 52 -44.21 2.24 3.02
N LYS B 53 -44.23 2.21 4.36
CA LYS B 53 -43.15 1.61 5.15
C LYS B 53 -43.00 0.11 4.92
N GLU B 54 -41.98 -0.27 4.13
CA GLU B 54 -41.67 -1.66 3.82
C GLU B 54 -40.17 -1.90 4.00
N ILE B 55 -39.73 -2.08 5.25
CA ILE B 55 -38.35 -2.46 5.56
C ILE B 55 -38.41 -3.32 6.81
N SER B 56 -37.95 -4.57 6.70
CA SER B 56 -38.03 -5.50 7.81
C SER B 56 -36.76 -5.42 8.66
N LEU B 57 -36.61 -6.35 9.60
CA LEU B 57 -35.42 -6.40 10.43
C LEU B 57 -34.20 -6.86 9.62
N LEU B 58 -34.40 -7.84 8.74
CA LEU B 58 -33.31 -8.36 7.93
C LEU B 58 -32.83 -7.34 6.91
N ASN B 59 -33.76 -6.52 6.38
CA ASN B 59 -33.38 -5.47 5.45
C ASN B 59 -32.55 -4.39 6.15
N GLY B 60 -32.90 -4.07 7.39
CA GLY B 60 -32.10 -3.09 8.13
C GLY B 60 -30.74 -3.59 8.52
N VAL B 61 -30.66 -4.87 8.92
CA VAL B 61 -29.36 -5.48 9.22
C VAL B 61 -28.49 -5.51 7.97
N CYS B 62 -29.06 -5.87 6.82
CA CYS B 62 -28.30 -5.90 5.59
C CYS B 62 -27.90 -4.51 5.12
N LEU B 63 -28.71 -3.50 5.39
CA LEU B 63 -28.34 -2.13 5.04
C LEU B 63 -27.16 -1.64 5.86
N ILE B 64 -27.20 -1.86 7.18
CA ILE B 64 -26.11 -1.39 8.04
C ILE B 64 -24.82 -2.17 7.76
N VAL B 65 -24.92 -3.49 7.57
CA VAL B 65 -23.73 -4.29 7.32
C VAL B 65 -23.15 -4.00 5.93
N GLY B 66 -24.01 -3.84 4.93
CA GLY B 66 -23.54 -3.53 3.59
C GLY B 66 -23.02 -2.12 3.42
N ASN B 67 -23.37 -1.20 4.32
CA ASN B 67 -22.72 0.10 4.26
C ASN B 67 -21.47 0.18 5.14
N MET B 68 -21.39 -0.61 6.20
CA MET B 68 -20.22 -0.55 7.07
C MET B 68 -19.04 -1.30 6.46
N ILE B 69 -19.26 -2.54 6.01
CA ILE B 69 -18.21 -3.31 5.35
C ILE B 69 -18.12 -2.86 3.91
N GLY B 70 -16.97 -2.29 3.54
CA GLY B 70 -16.75 -1.85 2.18
C GLY B 70 -15.36 -2.24 1.70
N SER B 71 -14.72 -1.33 0.96
CA SER B 71 -13.39 -1.61 0.45
C SER B 71 -12.29 -1.38 1.48
N GLY B 72 -12.61 -0.82 2.64
CA GLY B 72 -11.59 -0.53 3.63
C GLY B 72 -11.02 -1.77 4.30
N ILE B 73 -11.85 -2.77 4.53
CA ILE B 73 -11.37 -4.03 5.09
C ILE B 73 -10.62 -4.85 4.04
N PHE B 74 -10.81 -4.55 2.76
CA PHE B 74 -10.24 -5.33 1.68
C PHE B 74 -8.94 -4.72 1.15
N VAL B 75 -8.95 -3.45 0.77
CA VAL B 75 -7.82 -2.89 0.05
C VAL B 75 -6.82 -2.17 0.96
N SER B 76 -7.24 -1.72 2.15
CA SER B 76 -6.31 -1.00 3.00
C SER B 76 -6.64 -1.06 4.49
N PRO B 77 -6.39 -2.19 5.18
CA PRO B 77 -6.29 -2.18 6.64
C PRO B 77 -4.86 -1.93 7.11
N LYS B 78 -4.22 -0.90 6.55
CA LYS B 78 -2.80 -0.67 6.73
C LYS B 78 -2.46 0.45 7.70
N GLY B 79 -3.40 1.35 7.99
CA GLY B 79 -3.09 2.49 8.84
C GLY B 79 -2.84 2.09 10.28
N VAL B 80 -3.62 1.14 10.78
CA VAL B 80 -3.45 0.64 12.15
C VAL B 80 -2.11 -0.06 12.30
N LEU B 81 -1.69 -0.79 11.28
CA LEU B 81 -0.42 -1.50 11.35
C LEU B 81 0.77 -0.56 11.16
N ILE B 82 0.64 0.47 10.31
CA ILE B 82 1.78 1.36 10.09
C ILE B 82 1.94 2.35 11.25
N TYR B 83 0.87 2.67 11.98
CA TYR B 83 1.02 3.52 13.15
C TYR B 83 1.15 2.72 14.44
N SER B 84 0.92 1.41 14.39
CA SER B 84 1.00 0.56 15.57
C SER B 84 2.27 -0.27 15.65
N ALA B 85 2.82 -0.66 14.49
CA ALA B 85 4.10 -1.36 14.33
C ALA B 85 4.15 -2.71 15.04
N SER B 86 3.00 -3.32 15.31
CA SER B 86 2.94 -4.63 15.94
C SER B 86 1.60 -5.27 15.60
N PHE B 87 1.53 -6.59 15.76
CA PHE B 87 0.31 -7.31 15.44
C PHE B 87 -0.70 -7.23 16.58
N GLY B 88 -0.25 -7.51 17.80
CA GLY B 88 -1.15 -7.53 18.94
C GLY B 88 -1.71 -6.18 19.30
N LEU B 89 -0.87 -5.14 19.20
CA LEU B 89 -1.36 -3.79 19.43
C LEU B 89 -2.33 -3.34 18.35
N SER B 90 -2.14 -3.82 17.11
CA SER B 90 -3.10 -3.55 16.04
C SER B 90 -4.45 -4.19 16.33
N LEU B 91 -4.45 -5.43 16.80
CA LEU B 91 -5.71 -6.09 17.17
C LEU B 91 -6.38 -5.39 18.35
N VAL B 92 -5.59 -4.89 19.30
CA VAL B 92 -6.12 -4.11 20.42
C VAL B 92 -6.79 -2.84 19.92
N ILE B 93 -6.15 -2.13 18.99
CA ILE B 93 -6.71 -0.89 18.45
C ILE B 93 -7.99 -1.15 17.65
N TRP B 94 -8.03 -2.29 16.94
CA TRP B 94 -9.25 -2.66 16.21
C TRP B 94 -10.42 -2.92 17.15
N ALA B 95 -10.17 -3.64 18.26
CA ALA B 95 -11.22 -3.90 19.23
C ALA B 95 -11.69 -2.61 19.93
N VAL B 96 -10.76 -1.70 20.22
CA VAL B 96 -11.11 -0.46 20.92
C VAL B 96 -11.92 0.46 19.99
N GLY B 97 -11.57 0.50 18.70
CA GLY B 97 -12.37 1.24 17.74
C GLY B 97 -13.77 0.67 17.57
N GLY B 98 -13.89 -0.66 17.61
CA GLY B 98 -15.21 -1.27 17.57
C GLY B 98 -16.07 -0.91 18.78
N LEU B 99 -15.45 -0.87 19.97
CA LEU B 99 -16.18 -0.47 21.17
C LEU B 99 -16.63 0.98 21.11
N PHE B 100 -15.75 1.87 20.64
CA PHE B 100 -16.11 3.28 20.54
C PHE B 100 -17.14 3.55 19.45
N SER B 101 -17.25 2.68 18.45
CA SER B 101 -18.33 2.82 17.48
C SER B 101 -19.65 2.24 17.98
N VAL B 102 -19.60 1.21 18.84
CA VAL B 102 -20.81 0.73 19.51
C VAL B 102 -21.41 1.83 20.38
N PHE B 103 -20.53 2.61 21.05
CA PHE B 103 -20.99 3.69 21.92
C PHE B 103 -21.74 4.79 21.16
N GLY B 104 -21.44 4.98 19.87
CA GLY B 104 -22.15 5.98 19.08
C GLY B 104 -23.38 5.43 18.41
N ALA B 105 -23.32 4.14 18.04
CA ALA B 105 -24.48 3.47 17.46
C ALA B 105 -25.63 3.38 18.46
N LEU B 106 -25.32 3.23 19.75
CA LEU B 106 -26.38 3.22 20.76
C LEU B 106 -27.04 4.60 20.90
N CYS B 107 -26.24 5.66 20.79
CA CYS B 107 -26.78 7.02 20.84
C CYS B 107 -27.69 7.31 19.66
N TYR B 108 -27.33 6.85 18.47
CA TYR B 108 -28.25 7.03 17.35
C TYR B 108 -29.46 6.10 17.40
N ALA B 109 -29.35 4.95 18.06
CA ALA B 109 -30.56 4.15 18.31
C ALA B 109 -31.55 4.90 19.19
N GLU B 110 -31.04 5.55 20.25
CA GLU B 110 -31.92 6.33 21.12
C GLU B 110 -32.50 7.54 20.41
N LEU B 111 -31.69 8.24 19.60
CA LEU B 111 -32.17 9.40 18.86
C LEU B 111 -33.21 9.01 17.80
N GLY B 112 -33.02 7.87 17.14
CA GLY B 112 -33.96 7.43 16.14
C GLY B 112 -35.28 6.98 16.74
N THR B 113 -35.24 6.37 17.92
CA THR B 113 -36.51 6.01 18.56
C THR B 113 -37.16 7.19 19.27
N THR B 114 -36.41 8.25 19.58
CA THR B 114 -37.02 9.40 20.23
C THR B 114 -37.66 10.34 19.22
N ILE B 115 -36.90 10.78 18.22
CA ILE B 115 -37.42 11.81 17.31
C ILE B 115 -38.28 11.21 16.21
N LYS B 116 -37.83 10.08 15.65
CA LYS B 116 -38.60 9.22 14.73
C LYS B 116 -38.96 9.96 13.43
N LYS B 117 -37.97 10.63 12.86
CA LYS B 117 -38.08 11.28 11.57
C LYS B 117 -36.83 10.96 10.76
N SER B 118 -36.99 10.82 9.45
CA SER B 118 -35.86 10.48 8.60
C SER B 118 -34.93 11.67 8.42
N GLY B 119 -33.67 11.38 8.10
CA GLY B 119 -32.68 12.42 7.89
C GLY B 119 -31.37 12.22 8.62
N ALA B 120 -31.46 11.65 9.82
CA ALA B 120 -30.40 11.00 10.61
C ALA B 120 -29.36 11.91 11.26
N SER B 121 -29.22 13.15 10.83
CA SER B 121 -28.65 14.18 11.70
C SER B 121 -29.35 15.49 11.38
N TYR B 122 -29.88 15.57 10.17
CA TYR B 122 -30.60 16.75 9.72
C TYR B 122 -31.86 16.96 10.55
N ALA B 123 -32.62 15.88 10.77
CA ALA B 123 -33.83 15.96 11.60
C ALA B 123 -33.49 16.21 13.06
N TYR B 124 -32.36 15.70 13.53
CA TYR B 124 -32.03 15.83 14.94
C TYR B 124 -31.51 17.22 15.26
N ILE B 125 -30.72 17.80 14.35
CA ILE B 125 -30.28 19.19 14.49
C ILE B 125 -31.45 20.15 14.28
N LEU B 126 -32.41 19.79 13.42
CA LEU B 126 -33.65 20.56 13.34
C LEU B 126 -34.43 20.52 14.65
N GLU B 127 -34.47 19.36 15.31
CA GLU B 127 -35.23 19.28 16.55
C GLU B 127 -34.50 19.98 17.69
N ALA B 128 -33.17 20.08 17.63
CA ALA B 128 -32.41 20.69 18.70
C ALA B 128 -32.13 22.18 18.47
N PHE B 129 -31.45 22.52 17.38
CA PHE B 129 -30.99 23.88 17.11
C PHE B 129 -31.45 24.32 15.73
N GLY B 130 -32.74 24.14 15.44
CA GLY B 130 -33.29 24.14 14.09
C GLY B 130 -33.04 25.32 13.16
N GLY B 131 -33.17 25.07 11.86
CA GLY B 131 -32.98 26.15 10.90
C GLY B 131 -31.59 26.23 10.31
N PHE B 132 -30.75 27.04 10.95
CA PHE B 132 -29.46 27.45 10.39
C PHE B 132 -28.50 26.27 10.22
N LEU B 133 -28.21 25.57 11.32
CA LEU B 133 -27.22 24.51 11.29
C LEU B 133 -27.68 23.29 10.49
N ALA B 134 -28.99 23.03 10.49
CA ALA B 134 -29.54 21.96 9.69
C ALA B 134 -29.40 22.26 8.20
N PHE B 135 -29.58 23.52 7.82
CA PHE B 135 -29.37 23.90 6.43
C PHE B 135 -27.90 23.81 6.04
N ILE B 136 -26.99 24.14 6.97
CA ILE B 136 -25.57 24.04 6.67
C ILE B 136 -25.17 22.58 6.46
N ARG B 137 -25.70 21.67 7.28
CA ARG B 137 -25.43 20.24 7.12
C ARG B 137 -26.01 19.70 5.81
N LEU B 138 -27.25 20.10 5.48
CA LEU B 138 -27.87 19.67 4.24
C LEU B 138 -27.12 20.20 3.02
N TRP B 139 -26.64 21.44 3.11
CA TRP B 139 -25.91 22.05 2.00
C TRP B 139 -24.57 21.36 1.77
N THR B 140 -23.84 21.06 2.84
CA THR B 140 -22.54 20.44 2.63
C THR B 140 -22.67 18.97 2.20
N SER B 141 -23.73 18.27 2.62
CA SER B 141 -23.91 16.91 2.11
C SER B 141 -24.42 16.91 0.68
N LEU B 142 -25.17 17.94 0.28
CA LEU B 142 -25.57 18.06 -1.12
C LEU B 142 -24.40 18.45 -1.99
N LEU B 143 -23.43 19.17 -1.44
CA LEU B 143 -22.41 19.78 -2.28
C LEU B 143 -21.13 18.96 -2.38
N ILE B 144 -20.62 18.41 -1.26
CA ILE B 144 -19.30 17.79 -1.34
C ILE B 144 -19.29 16.34 -0.82
N ILE B 145 -20.19 16.00 0.10
CA ILE B 145 -20.01 14.76 0.85
C ILE B 145 -20.51 13.55 0.05
N GLU B 146 -21.78 13.54 -0.32
CA GLU B 146 -22.37 12.37 -0.95
C GLU B 146 -22.05 12.12 -2.43
N PRO B 147 -21.98 13.15 -3.33
CA PRO B 147 -21.55 12.85 -4.70
C PRO B 147 -20.13 12.32 -4.80
N THR B 148 -19.21 12.84 -3.99
CA THR B 148 -17.82 12.39 -4.03
C THR B 148 -17.68 10.96 -3.53
N SER B 149 -18.38 10.63 -2.43
CA SER B 149 -18.29 9.28 -1.89
C SER B 149 -18.94 8.26 -2.80
N GLN B 150 -20.07 8.62 -3.43
CA GLN B 150 -20.71 7.70 -4.37
C GLN B 150 -19.88 7.49 -5.63
N ALA B 151 -19.28 8.56 -6.15
CA ALA B 151 -18.41 8.44 -7.32
C ALA B 151 -17.16 7.63 -7.00
N ILE B 152 -16.63 7.77 -5.79
CA ILE B 152 -15.42 7.03 -5.42
C ILE B 152 -15.72 5.55 -5.25
N ILE B 153 -16.88 5.21 -4.67
CA ILE B 153 -17.28 3.80 -4.55
C ILE B 153 -17.49 3.19 -5.93
N ALA B 154 -18.12 3.93 -6.84
CA ALA B 154 -18.33 3.42 -8.21
C ALA B 154 -17.01 3.23 -8.96
N ILE B 155 -16.05 4.13 -8.73
CA ILE B 155 -14.75 4.01 -9.40
C ILE B 155 -13.96 2.83 -8.86
N THR B 156 -14.05 2.55 -7.56
CA THR B 156 -13.36 1.38 -7.03
C THR B 156 -14.01 0.07 -7.48
N PHE B 157 -15.34 0.07 -7.64
CA PHE B 157 -16.03 -1.08 -8.24
C PHE B 157 -15.53 -1.34 -9.66
N ALA B 158 -15.43 -0.28 -10.46
CA ALA B 158 -14.96 -0.43 -11.83
C ALA B 158 -13.48 -0.83 -11.89
N ASN B 159 -12.69 -0.37 -10.93
CA ASN B 159 -11.27 -0.72 -10.92
C ASN B 159 -11.04 -2.16 -10.52
N TYR B 160 -11.87 -2.70 -9.63
CA TYR B 160 -11.66 -4.09 -9.24
C TYR B 160 -12.47 -5.08 -10.06
N MET B 161 -13.34 -4.61 -10.96
CA MET B 161 -13.94 -5.54 -11.91
C MET B 161 -12.93 -5.99 -12.96
N VAL B 162 -12.00 -5.11 -13.36
CA VAL B 162 -11.09 -5.38 -14.46
C VAL B 162 -9.68 -5.72 -13.96
N GLN B 163 -9.52 -6.01 -12.68
CA GLN B 163 -8.22 -6.32 -12.11
C GLN B 163 -7.62 -7.67 -12.51
N PRO B 164 -8.37 -8.79 -12.66
CA PRO B 164 -7.73 -9.99 -13.20
C PRO B 164 -7.32 -9.90 -14.66
N LEU B 165 -7.84 -8.93 -15.41
CA LEU B 165 -7.34 -8.71 -16.77
C LEU B 165 -6.09 -7.83 -16.77
N PHE B 166 -5.93 -7.00 -15.74
CA PHE B 166 -4.81 -6.08 -15.63
C PHE B 166 -4.17 -6.25 -14.26
N PRO B 167 -3.39 -7.33 -14.05
CA PRO B 167 -2.92 -7.67 -12.69
C PRO B 167 -1.96 -6.66 -12.08
N SER B 168 -0.86 -6.35 -12.75
CA SER B 168 0.03 -5.24 -12.37
C SER B 168 0.28 -4.45 -13.64
N CYS B 169 -0.67 -3.59 -14.01
CA CYS B 169 -0.70 -3.18 -15.39
C CYS B 169 -1.04 -1.70 -15.62
N PHE B 170 -1.56 -1.02 -14.59
CA PHE B 170 -2.11 0.34 -14.68
C PHE B 170 -3.24 0.42 -15.72
N ALA B 171 -4.37 -0.22 -15.36
CA ALA B 171 -5.64 -0.33 -16.08
C ALA B 171 -6.12 0.98 -16.72
N PRO B 172 -6.79 0.94 -17.87
CA PRO B 172 -7.09 2.18 -18.61
C PRO B 172 -8.09 3.08 -17.90
N TYR B 173 -7.88 4.38 -18.06
CA TYR B 173 -8.59 5.40 -17.29
C TYR B 173 -10.03 5.55 -17.75
N ALA B 174 -10.25 5.67 -19.06
CA ALA B 174 -11.58 5.97 -19.57
C ALA B 174 -12.52 4.78 -19.47
N ALA B 175 -11.99 3.56 -19.34
CA ALA B 175 -12.84 2.40 -19.19
C ALA B 175 -13.43 2.26 -17.79
N SER B 176 -12.82 2.89 -16.79
CA SER B 176 -13.33 2.81 -15.43
C SER B 176 -14.42 3.85 -15.17
N ARG B 177 -14.30 5.02 -15.79
CA ARG B 177 -15.33 6.04 -15.63
C ARG B 177 -16.63 5.64 -16.31
N LEU B 178 -16.54 4.94 -17.45
CA LEU B 178 -17.74 4.49 -18.14
C LEU B 178 -18.46 3.40 -17.35
N LEU B 179 -17.71 2.46 -16.78
CA LEU B 179 -18.29 1.42 -15.95
C LEU B 179 -18.88 1.99 -14.66
N ALA B 180 -18.24 3.02 -14.10
CA ALA B 180 -18.78 3.70 -12.93
C ALA B 180 -20.08 4.41 -13.24
N ALA B 181 -20.15 5.07 -14.40
CA ALA B 181 -21.39 5.74 -14.82
C ALA B 181 -22.51 4.74 -15.08
N ALA B 182 -22.18 3.60 -15.68
CA ALA B 182 -23.18 2.57 -15.91
C ALA B 182 -23.69 1.97 -14.60
N CYS B 183 -22.79 1.80 -13.63
CA CYS B 183 -23.18 1.28 -12.32
C CYS B 183 -24.11 2.24 -11.59
N ILE B 184 -23.79 3.55 -11.64
CA ILE B 184 -24.61 4.56 -10.98
C ILE B 184 -25.99 4.64 -11.62
N CYS B 185 -26.04 4.63 -12.96
CA CYS B 185 -27.34 4.71 -13.65
C CYS B 185 -28.18 3.46 -13.43
N LEU B 186 -27.56 2.28 -13.36
CA LEU B 186 -28.32 1.06 -13.13
C LEU B 186 -28.91 1.03 -11.72
N LEU B 187 -28.13 1.41 -10.70
CA LEU B 187 -28.67 1.40 -9.35
C LEU B 187 -29.72 2.50 -9.15
N THR B 188 -29.58 3.62 -9.85
CA THR B 188 -30.59 4.66 -9.81
C THR B 188 -31.91 4.19 -10.42
N PHE B 189 -31.85 3.46 -11.55
CA PHE B 189 -33.04 2.88 -12.14
C PHE B 189 -33.69 1.86 -11.22
N ILE B 190 -32.88 0.99 -10.60
CA ILE B 190 -33.42 -0.07 -9.75
C ILE B 190 -34.12 0.52 -8.53
N ASN B 191 -33.55 1.57 -7.93
CA ASN B 191 -34.23 2.20 -6.81
C ASN B 191 -35.41 3.07 -7.24
N CYS B 192 -35.42 3.58 -8.48
CA CYS B 192 -36.58 4.31 -8.95
C CYS B 192 -37.75 3.39 -9.32
N ALA B 193 -37.49 2.11 -9.59
CA ALA B 193 -38.57 1.21 -9.96
C ALA B 193 -39.41 0.80 -8.76
N TYR B 194 -38.79 0.13 -7.77
CA TYR B 194 -39.48 -0.28 -6.57
C TYR B 194 -38.51 -0.22 -5.40
N VAL B 195 -39.07 -0.16 -4.19
CA VAL B 195 -38.24 -0.17 -2.98
C VAL B 195 -37.79 -1.59 -2.65
N LYS B 196 -38.66 -2.58 -2.93
CA LYS B 196 -38.34 -3.98 -2.65
C LYS B 196 -37.19 -4.48 -3.53
N TRP B 197 -37.05 -3.92 -4.73
CA TRP B 197 -35.94 -4.29 -5.59
C TRP B 197 -34.60 -3.82 -5.00
N GLY B 198 -34.58 -2.62 -4.43
CA GLY B 198 -33.38 -2.14 -3.78
C GLY B 198 -33.04 -2.92 -2.52
N THR B 199 -34.05 -3.29 -1.73
CA THR B 199 -33.78 -4.10 -0.55
C THR B 199 -33.33 -5.51 -0.91
N LEU B 200 -33.83 -6.06 -2.02
CA LEU B 200 -33.38 -7.37 -2.48
C LEU B 200 -31.94 -7.33 -2.96
N VAL B 201 -31.57 -6.27 -3.71
CA VAL B 201 -30.18 -6.08 -4.14
C VAL B 201 -29.25 -5.96 -2.94
N GLN B 202 -29.68 -5.20 -1.92
CA GLN B 202 -28.89 -5.06 -0.70
C GLN B 202 -28.68 -6.40 0.01
N ASP B 203 -29.75 -7.22 0.09
CA ASP B 203 -29.64 -8.54 0.71
C ASP B 203 -28.66 -9.45 -0.02
N ILE B 204 -28.77 -9.49 -1.36
CA ILE B 204 -27.94 -10.40 -2.16
C ILE B 204 -26.46 -10.03 -2.05
N PHE B 205 -26.14 -8.74 -2.20
CA PHE B 205 -24.73 -8.38 -2.19
C PHE B 205 -24.14 -8.33 -0.78
N THR B 206 -24.97 -8.14 0.25
CA THR B 206 -24.46 -8.30 1.62
C THR B 206 -24.12 -9.75 1.92
N TYR B 207 -24.97 -10.69 1.47
CA TYR B 207 -24.65 -12.11 1.60
C TYR B 207 -23.38 -12.47 0.87
N ALA B 208 -23.18 -11.89 -0.32
CA ALA B 208 -21.98 -12.17 -1.12
C ALA B 208 -20.70 -11.73 -0.40
N LYS B 209 -20.69 -10.48 0.11
CA LYS B 209 -19.48 -10.00 0.76
C LYS B 209 -19.23 -10.71 2.10
N VAL B 210 -20.28 -11.12 2.80
CA VAL B 210 -20.09 -11.84 4.06
C VAL B 210 -19.55 -13.24 3.80
N LEU B 211 -20.00 -13.89 2.72
CA LEU B 211 -19.46 -15.21 2.37
C LEU B 211 -17.99 -15.14 1.95
N ALA B 212 -17.61 -14.08 1.23
CA ALA B 212 -16.21 -13.92 0.86
C ALA B 212 -15.31 -13.69 2.08
N LEU B 213 -15.75 -12.83 3.00
CA LEU B 213 -14.97 -12.60 4.22
C LEU B 213 -14.92 -13.85 5.10
N ILE B 214 -15.98 -14.64 5.11
CA ILE B 214 -15.98 -15.90 5.86
C ILE B 214 -14.98 -16.89 5.26
N ALA B 215 -14.87 -16.90 3.92
CA ALA B 215 -13.88 -17.74 3.26
C ALA B 215 -12.46 -17.34 3.63
N VAL B 216 -12.18 -16.03 3.65
CA VAL B 216 -10.85 -15.54 4.04
C VAL B 216 -10.54 -15.90 5.49
N ILE B 217 -11.53 -15.72 6.38
CA ILE B 217 -11.35 -16.03 7.80
C ILE B 217 -11.10 -17.52 8.01
N VAL B 218 -11.83 -18.38 7.29
CA VAL B 218 -11.71 -19.82 7.47
C VAL B 218 -10.36 -20.31 6.95
N ALA B 219 -9.88 -19.74 5.83
CA ALA B 219 -8.55 -20.08 5.33
C ALA B 219 -7.45 -19.67 6.31
N GLY B 220 -7.57 -18.47 6.89
CA GLY B 220 -6.60 -18.04 7.88
C GLY B 220 -6.62 -18.88 9.14
N ILE B 221 -7.81 -19.27 9.61
CA ILE B 221 -7.92 -20.07 10.83
C ILE B 221 -7.38 -21.48 10.61
N VAL B 222 -7.63 -22.06 9.44
CA VAL B 222 -7.12 -23.42 9.20
C VAL B 222 -5.62 -23.41 8.98
N ARG B 223 -5.06 -22.32 8.43
CA ARG B 223 -3.60 -22.25 8.33
C ARG B 223 -2.96 -21.94 9.67
N LEU B 224 -3.66 -21.21 10.54
CA LEU B 224 -3.12 -20.90 11.87
C LEU B 224 -3.11 -22.14 12.75
N GLY B 225 -4.26 -22.80 12.88
CA GLY B 225 -4.33 -23.97 13.73
C GLY B 225 -3.72 -25.21 13.12
N GLN B 226 -3.52 -25.22 11.80
CA GLN B 226 -2.98 -26.40 11.12
C GLN B 226 -1.55 -26.71 11.51
N GLY B 227 -0.60 -25.89 11.10
CA GLY B 227 0.78 -26.22 11.41
C GLY B 227 1.81 -25.12 11.61
N ALA B 228 1.43 -23.84 11.59
CA ALA B 228 2.44 -22.79 11.65
C ALA B 228 2.35 -21.97 12.94
N SER B 229 1.26 -21.20 13.13
CA SER B 229 1.06 -20.28 14.26
C SER B 229 2.27 -19.39 14.55
N THR B 230 2.99 -18.96 13.51
CA THR B 230 4.36 -18.51 13.70
C THR B 230 4.44 -17.05 14.13
N HIS B 231 3.64 -16.17 13.51
CA HIS B 231 3.73 -14.75 13.82
C HIS B 231 3.15 -14.40 15.18
N PHE B 232 2.28 -15.25 15.74
CA PHE B 232 1.68 -15.00 17.04
C PHE B 232 2.40 -15.77 18.13
N GLU B 233 3.69 -15.51 18.28
CA GLU B 233 4.47 -16.08 19.38
C GLU B 233 5.18 -14.99 20.15
N ASN B 234 5.65 -13.96 19.46
CA ASN B 234 6.43 -12.87 20.05
C ASN B 234 5.79 -11.53 19.70
N SER B 235 4.49 -11.42 19.98
CA SER B 235 3.77 -10.19 19.73
C SER B 235 4.16 -9.13 20.75
N PHE B 236 3.66 -7.91 20.50
CA PHE B 236 3.96 -6.70 21.29
C PHE B 236 5.46 -6.40 21.35
N GLU B 237 6.20 -6.78 20.31
CA GLU B 237 7.61 -6.45 20.21
C GLU B 237 7.78 -5.43 19.10
N GLY B 238 8.54 -4.38 19.38
CA GLY B 238 8.63 -3.26 18.47
C GLY B 238 7.40 -2.37 18.46
N SER B 239 6.58 -2.42 19.51
CA SER B 239 5.36 -1.64 19.56
C SER B 239 5.68 -0.17 19.79
N SER B 240 4.84 0.70 19.24
CA SER B 240 5.01 2.15 19.37
C SER B 240 4.01 2.65 20.41
N PHE B 241 4.45 2.73 21.66
CA PHE B 241 3.57 3.19 22.74
C PHE B 241 3.66 4.69 22.95
N ALA B 242 3.53 5.45 21.87
CA ALA B 242 3.52 6.90 21.92
C ALA B 242 2.10 7.42 21.77
N VAL B 243 1.89 8.68 22.14
CA VAL B 243 0.57 9.27 22.01
C VAL B 243 0.23 9.55 20.56
N GLY B 244 1.17 10.12 19.80
CA GLY B 244 0.94 10.46 18.42
C GLY B 244 0.79 9.29 17.47
N ASP B 245 1.22 8.09 17.88
CA ASP B 245 1.05 6.88 17.08
C ASP B 245 -0.22 6.12 17.44
N ILE B 246 -0.50 5.97 18.73
CA ILE B 246 -1.72 5.30 19.17
C ILE B 246 -2.95 6.12 18.78
N ALA B 247 -2.84 7.45 18.82
CA ALA B 247 -3.92 8.31 18.39
C ALA B 247 -4.21 8.19 16.89
N LEU B 248 -3.16 8.12 16.07
CA LEU B 248 -3.36 7.98 14.64
C LEU B 248 -3.85 6.58 14.25
N ALA B 249 -3.41 5.56 14.99
CA ALA B 249 -3.92 4.21 14.76
C ALA B 249 -5.40 4.10 15.15
N LEU B 250 -5.79 4.76 16.24
CA LEU B 250 -7.19 4.77 16.65
C LEU B 250 -8.04 5.57 15.66
N TYR B 251 -7.48 6.65 15.10
CA TYR B 251 -8.17 7.41 14.07
C TYR B 251 -8.41 6.58 12.81
N SER B 252 -7.40 5.82 12.39
CA SER B 252 -7.54 4.98 11.20
C SER B 252 -8.49 3.82 11.45
N ALA B 253 -8.47 3.24 12.65
CA ALA B 253 -9.38 2.14 12.96
C ALA B 253 -10.81 2.62 13.13
N LEU B 254 -10.98 3.87 13.55
CA LEU B 254 -12.32 4.41 13.77
C LEU B 254 -12.92 4.98 12.50
N PHE B 255 -12.11 5.31 11.50
CA PHE B 255 -12.66 5.59 10.17
C PHE B 255 -13.19 4.33 9.49
N SER B 256 -12.66 3.15 9.84
CA SER B 256 -13.05 1.93 9.17
C SER B 256 -14.43 1.43 9.62
N TYR B 257 -14.86 1.80 10.82
CA TYR B 257 -16.17 1.42 11.32
C TYR B 257 -17.25 2.43 10.94
N SER B 258 -16.95 3.36 10.04
CA SER B 258 -17.90 4.39 9.67
C SER B 258 -19.06 3.80 8.87
N GLY B 259 -20.24 4.37 9.07
CA GLY B 259 -21.43 3.93 8.37
C GLY B 259 -22.47 3.23 9.21
N TRP B 260 -22.41 3.35 10.54
CA TRP B 260 -23.41 2.69 11.38
C TRP B 260 -24.70 3.47 11.52
N ASP B 261 -24.86 4.58 10.79
CA ASP B 261 -26.04 5.42 10.89
C ASP B 261 -26.90 5.38 9.63
N THR B 262 -26.82 4.30 8.85
CA THR B 262 -27.52 4.25 7.58
C THR B 262 -29.02 4.04 7.77
N LEU B 263 -29.41 3.25 8.77
CA LEU B 263 -30.83 2.98 8.98
C LEU B 263 -31.56 4.17 9.58
N ASN B 264 -30.84 5.13 10.15
CA ASN B 264 -31.48 6.32 10.69
C ASN B 264 -31.93 7.28 9.61
N TYR B 265 -31.47 7.11 8.37
CA TYR B 265 -31.94 7.93 7.25
C TYR B 265 -33.28 7.49 6.71
N VAL B 266 -33.71 6.27 7.01
CA VAL B 266 -34.92 5.70 6.43
C VAL B 266 -35.90 5.29 7.52
N THR B 267 -35.92 6.05 8.62
CA THR B 267 -36.67 5.68 9.81
C THR B 267 -38.17 5.62 9.57
N GLU B 268 -38.69 6.45 8.67
CA GLU B 268 -40.11 6.45 8.36
C GLU B 268 -40.54 5.32 7.43
N GLU B 269 -39.66 4.39 7.10
CA GLU B 269 -39.99 3.27 6.24
C GLU B 269 -39.81 1.93 6.92
N ILE B 270 -39.50 1.91 8.21
CA ILE B 270 -39.34 0.69 8.98
C ILE B 270 -40.68 0.32 9.59
N LYS B 271 -40.94 -1.00 9.70
CA LYS B 271 -42.22 -1.52 10.18
C LYS B 271 -42.52 -1.13 11.63
N ASN B 272 -41.71 -1.62 12.57
CA ASN B 272 -41.82 -1.22 13.97
C ASN B 272 -40.55 -0.47 14.34
N PRO B 273 -40.53 0.85 14.16
CA PRO B 273 -39.27 1.60 14.39
C PRO B 273 -38.87 1.67 15.86
N GLU B 274 -39.80 1.47 16.78
CA GLU B 274 -39.48 1.39 18.20
C GLU B 274 -38.88 0.04 18.57
N ARG B 275 -38.98 -0.96 17.71
CA ARG B 275 -38.36 -2.26 17.92
C ARG B 275 -37.27 -2.57 16.90
N ASN B 276 -37.54 -2.39 15.61
CA ASN B 276 -36.65 -2.90 14.58
C ASN B 276 -35.42 -2.04 14.35
N LEU B 277 -35.40 -0.79 14.79
CA LEU B 277 -34.18 0.00 14.66
C LEU B 277 -33.11 -0.35 15.71
N PRO B 278 -33.37 -0.35 17.03
CA PRO B 278 -32.28 -0.70 17.96
C PRO B 278 -31.92 -2.16 17.92
N LEU B 279 -32.86 -3.04 17.59
CA LEU B 279 -32.57 -4.46 17.47
C LEU B 279 -31.64 -4.73 16.28
N SER B 280 -31.86 -4.04 15.16
CA SER B 280 -30.97 -4.23 14.02
C SER B 280 -29.60 -3.60 14.24
N ILE B 281 -29.54 -2.48 14.97
CA ILE B 281 -28.24 -1.89 15.31
C ILE B 281 -27.45 -2.83 16.23
N GLY B 282 -28.12 -3.36 17.25
CA GLY B 282 -27.48 -4.28 18.17
C GLY B 282 -27.17 -5.63 17.59
N ILE B 283 -27.84 -6.02 16.50
CA ILE B 283 -27.43 -7.23 15.78
C ILE B 283 -26.23 -6.95 14.90
N SER B 284 -26.22 -5.82 14.19
CA SER B 284 -25.20 -5.58 13.18
C SER B 284 -23.88 -5.08 13.75
N MET B 285 -23.83 -4.56 14.98
CA MET B 285 -22.55 -4.11 15.53
C MET B 285 -21.56 -5.24 15.82
N PRO B 286 -21.88 -6.30 16.60
CA PRO B 286 -20.84 -7.30 16.90
C PRO B 286 -20.46 -8.16 15.72
N ILE B 287 -21.32 -8.27 14.71
CA ILE B 287 -20.99 -9.00 13.49
C ILE B 287 -19.83 -8.31 12.76
N VAL B 288 -19.93 -6.99 12.60
CA VAL B 288 -18.89 -6.22 11.93
C VAL B 288 -17.62 -6.18 12.76
N THR B 289 -17.75 -6.11 14.09
CA THR B 289 -16.56 -6.10 14.96
C THR B 289 -15.81 -7.43 14.91
N ILE B 290 -16.54 -8.55 15.00
CA ILE B 290 -15.92 -9.87 14.95
C ILE B 290 -15.29 -10.13 13.58
N ILE B 291 -15.98 -9.71 12.51
CA ILE B 291 -15.45 -9.89 11.16
C ILE B 291 -14.18 -9.08 10.95
N TYR B 292 -14.15 -7.84 11.47
CA TYR B 292 -12.98 -6.99 11.31
C TYR B 292 -11.79 -7.50 12.12
N ILE B 293 -12.03 -8.12 13.28
CA ILE B 293 -10.92 -8.67 14.04
C ILE B 293 -10.38 -9.94 13.38
N LEU B 294 -11.28 -10.83 12.95
CA LEU B 294 -10.86 -12.13 12.44
C LEU B 294 -10.23 -12.01 11.05
N THR B 295 -10.63 -11.01 10.26
CA THR B 295 -9.99 -10.81 8.96
C THR B 295 -8.56 -10.34 9.12
N ASN B 296 -8.29 -9.51 10.13
CA ASN B 296 -6.92 -9.08 10.36
C ASN B 296 -6.07 -10.18 10.97
N VAL B 297 -6.66 -11.05 11.78
CA VAL B 297 -5.95 -12.23 12.27
C VAL B 297 -5.57 -13.15 11.11
N ALA B 298 -6.49 -13.33 10.16
CA ALA B 298 -6.20 -14.13 8.96
C ALA B 298 -5.17 -13.46 8.06
N TYR B 299 -5.15 -12.12 8.01
CA TYR B 299 -4.13 -11.41 7.25
C TYR B 299 -2.75 -11.60 7.87
N TYR B 300 -2.67 -11.56 9.21
CA TYR B 300 -1.37 -11.62 9.86
C TYR B 300 -0.85 -13.05 9.97
N THR B 301 -1.72 -14.05 9.86
CA THR B 301 -1.25 -15.43 9.88
C THR B 301 -0.48 -15.79 8.62
N VAL B 302 -0.99 -15.37 7.46
CA VAL B 302 -0.42 -15.79 6.18
C VAL B 302 0.72 -14.87 5.75
N LEU B 303 0.52 -13.57 5.84
CA LEU B 303 1.50 -12.59 5.41
C LEU B 303 2.32 -12.10 6.60
N ASP B 304 3.57 -11.73 6.35
CA ASP B 304 4.36 -11.04 7.36
C ASP B 304 4.17 -9.54 7.19
N MET B 305 4.94 -8.74 7.94
CA MET B 305 4.65 -7.32 8.01
C MET B 305 5.11 -6.55 6.77
N ARG B 306 6.25 -6.95 6.23
CA ARG B 306 6.85 -6.28 5.10
C ARG B 306 6.02 -6.24 3.82
N ASP B 307 5.40 -7.36 3.46
CA ASP B 307 4.61 -7.39 2.23
C ASP B 307 3.18 -6.89 2.47
N ILE B 308 2.74 -6.84 3.73
CA ILE B 308 1.51 -6.12 4.04
C ILE B 308 1.71 -4.63 3.85
N LEU B 309 2.79 -4.09 4.42
CA LEU B 309 3.02 -2.65 4.37
C LEU B 309 3.45 -2.14 3.01
N ALA B 310 3.70 -3.01 2.04
CA ALA B 310 4.17 -2.60 0.72
C ALA B 310 3.30 -3.20 -0.38
N SER B 311 1.99 -3.23 -0.16
CA SER B 311 1.06 -3.76 -1.15
C SER B 311 -0.06 -2.75 -1.40
N ASP B 312 -0.60 -2.80 -2.62
CA ASP B 312 -1.67 -1.88 -2.99
C ASP B 312 -3.02 -2.34 -2.45
N ALA B 313 -3.20 -3.65 -2.27
CA ALA B 313 -4.40 -4.20 -1.67
C ALA B 313 -4.02 -5.49 -0.95
N VAL B 314 -4.35 -5.56 0.34
CA VAL B 314 -3.87 -6.66 1.18
C VAL B 314 -4.60 -7.95 0.83
N ALA B 315 -5.88 -7.85 0.49
CA ALA B 315 -6.65 -9.06 0.18
C ALA B 315 -6.23 -9.68 -1.15
N VAL B 316 -5.76 -8.85 -2.08
CA VAL B 316 -5.27 -9.37 -3.36
C VAL B 316 -3.95 -10.14 -3.16
N THR B 317 -3.07 -9.60 -2.31
CA THR B 317 -1.83 -10.29 -1.97
C THR B 317 -2.11 -11.59 -1.21
N PHE B 318 -3.09 -11.55 -0.30
CA PHE B 318 -3.54 -12.74 0.42
C PHE B 318 -4.04 -13.81 -0.53
N ALA B 319 -4.85 -13.42 -1.51
CA ALA B 319 -5.40 -14.37 -2.47
C ALA B 319 -4.33 -14.92 -3.39
N ASP B 320 -3.34 -14.08 -3.77
CA ASP B 320 -2.26 -14.57 -4.61
C ASP B 320 -1.35 -15.51 -3.86
N GLN B 321 -1.24 -15.36 -2.54
CA GLN B 321 -0.34 -16.22 -1.79
C GLN B 321 -0.98 -17.51 -1.32
N ILE B 322 -2.27 -17.51 -0.94
CA ILE B 322 -2.87 -18.72 -0.38
C ILE B 322 -3.79 -19.46 -1.36
N PHE B 323 -4.34 -18.79 -2.37
CA PHE B 323 -5.13 -19.46 -3.39
C PHE B 323 -4.27 -19.59 -4.64
N GLY B 324 -4.02 -20.81 -5.09
CA GLY B 324 -3.20 -21.01 -6.26
C GLY B 324 -3.90 -20.54 -7.52
N ILE B 325 -4.94 -21.27 -7.92
CA ILE B 325 -5.90 -20.80 -8.86
C ILE B 325 -7.12 -20.34 -8.07
N PHE B 326 -8.07 -19.70 -8.76
CA PHE B 326 -9.21 -18.98 -8.17
C PHE B 326 -8.74 -17.88 -7.22
N ASN B 327 -7.74 -17.11 -7.67
CA ASN B 327 -7.32 -15.92 -6.95
C ASN B 327 -7.99 -14.66 -7.47
N TRP B 328 -8.82 -14.78 -8.51
CA TRP B 328 -9.66 -13.70 -9.01
C TRP B 328 -10.97 -13.57 -8.24
N ILE B 329 -11.27 -14.58 -7.41
CA ILE B 329 -12.47 -14.59 -6.58
C ILE B 329 -12.49 -13.38 -5.64
N ILE B 330 -11.33 -13.04 -5.07
CA ILE B 330 -11.24 -11.95 -4.11
C ILE B 330 -11.37 -10.57 -4.77
N PRO B 331 -10.74 -10.24 -5.92
CA PRO B 331 -11.10 -8.97 -6.57
C PRO B 331 -12.54 -8.91 -7.06
N LEU B 332 -13.10 -10.03 -7.51
CA LEU B 332 -14.53 -10.05 -7.86
C LEU B 332 -15.40 -9.77 -6.64
N SER B 333 -14.99 -10.28 -5.48
CA SER B 333 -15.71 -10.03 -4.23
C SER B 333 -15.58 -8.59 -3.78
N VAL B 334 -14.42 -7.96 -4.01
CA VAL B 334 -14.26 -6.54 -3.71
C VAL B 334 -15.19 -5.70 -4.58
N ALA B 335 -15.32 -6.07 -5.85
CA ALA B 335 -16.25 -5.38 -6.74
C ALA B 335 -17.71 -5.55 -6.29
N LEU B 336 -18.07 -6.76 -5.84
CA LEU B 336 -19.42 -6.98 -5.33
C LEU B 336 -19.68 -6.21 -4.02
N SER B 337 -18.64 -6.06 -3.19
CA SER B 337 -18.78 -5.28 -1.96
C SER B 337 -19.01 -3.80 -2.25
N CYS B 338 -18.30 -3.26 -3.25
CA CYS B 338 -18.54 -1.87 -3.62
C CYS B 338 -19.92 -1.68 -4.27
N PHE B 339 -20.38 -2.67 -5.04
CA PHE B 339 -21.73 -2.62 -5.58
C PHE B 339 -22.78 -2.67 -4.47
N GLY B 340 -22.51 -3.39 -3.38
CA GLY B 340 -23.42 -3.39 -2.26
C GLY B 340 -23.42 -2.09 -1.48
N GLY B 341 -22.27 -1.43 -1.39
CA GLY B 341 -22.21 -0.17 -0.67
C GLY B 341 -22.84 1.00 -1.40
N LEU B 342 -22.74 1.01 -2.74
CA LEU B 342 -23.29 2.12 -3.53
C LEU B 342 -24.81 2.20 -3.45
N ASN B 343 -25.48 1.04 -3.35
CA ASN B 343 -26.94 1.01 -3.25
C ASN B 343 -27.43 1.64 -1.95
N ALA B 344 -26.76 1.31 -0.84
CA ALA B 344 -27.13 1.88 0.46
C ALA B 344 -26.86 3.38 0.51
N SER B 345 -25.74 3.81 -0.10
CA SER B 345 -25.44 5.25 -0.17
C SER B 345 -26.49 5.99 -0.98
N ILE B 346 -26.96 5.39 -2.08
CA ILE B 346 -27.97 6.02 -2.93
C ILE B 346 -29.29 6.17 -2.19
N VAL B 347 -29.71 5.12 -1.48
CA VAL B 347 -30.99 5.15 -0.74
C VAL B 347 -30.95 6.18 0.38
N ALA B 348 -29.84 6.23 1.12
CA ALA B 348 -29.73 7.19 2.22
C ALA B 348 -29.69 8.63 1.73
N ALA B 349 -28.94 8.90 0.65
CA ALA B 349 -28.86 10.26 0.13
C ALA B 349 -30.20 10.74 -0.43
N SER B 350 -30.93 9.84 -1.11
CA SER B 350 -32.23 10.20 -1.65
C SER B 350 -33.24 10.51 -0.55
N ARG B 351 -33.22 9.73 0.54
CA ARG B 351 -34.17 10.00 1.61
C ARG B 351 -33.81 11.27 2.39
N LEU B 352 -32.51 11.56 2.52
CA LEU B 352 -32.09 12.82 3.13
C LEU B 352 -32.54 14.03 2.32
N PHE B 353 -32.37 13.98 0.99
CA PHE B 353 -32.80 15.10 0.17
C PHE B 353 -34.32 15.22 0.11
N PHE B 354 -35.03 14.09 0.24
CA PHE B 354 -36.49 14.09 0.35
C PHE B 354 -36.95 14.86 1.59
N VAL B 355 -36.34 14.55 2.74
CA VAL B 355 -36.74 15.21 3.99
C VAL B 355 -36.36 16.69 3.98
N GLY B 356 -35.17 17.01 3.44
CA GLY B 356 -34.77 18.40 3.29
C GLY B 356 -35.67 19.19 2.37
N SER B 357 -36.23 18.54 1.35
CA SER B 357 -37.22 19.22 0.51
C SER B 357 -38.53 19.42 1.26
N ARG B 358 -38.92 18.44 2.06
CA ARG B 358 -40.18 18.54 2.79
C ARG B 358 -40.13 19.59 3.88
N GLU B 359 -38.94 19.90 4.39
CA GLU B 359 -38.83 20.81 5.53
C GLU B 359 -38.75 22.29 5.15
N GLY B 360 -38.82 22.63 3.86
CA GLY B 360 -38.84 24.02 3.41
C GLY B 360 -37.62 24.42 2.62
N HIS B 361 -36.51 23.75 2.83
CA HIS B 361 -35.33 23.93 2.00
C HIS B 361 -35.53 23.16 0.70
N LEU B 362 -34.59 23.30 -0.26
CA LEU B 362 -34.45 22.39 -1.41
C LEU B 362 -35.72 22.20 -2.25
N PRO B 363 -36.05 23.13 -3.20
CA PRO B 363 -37.43 23.31 -3.73
C PRO B 363 -38.32 22.09 -3.99
N ASP B 364 -39.61 22.22 -3.71
CA ASP B 364 -40.56 21.14 -3.39
C ASP B 364 -40.81 20.14 -4.52
N ALA B 365 -40.13 20.19 -5.68
CA ALA B 365 -40.21 19.08 -6.61
C ALA B 365 -39.53 17.83 -6.06
N ILE B 366 -38.54 17.99 -5.18
CA ILE B 366 -37.79 16.85 -4.63
C ILE B 366 -38.57 16.11 -3.56
N CYS B 367 -39.72 16.62 -3.14
CA CYS B 367 -40.59 16.00 -2.15
C CYS B 367 -41.67 15.14 -2.78
N MET B 368 -41.77 15.11 -4.10
CA MET B 368 -42.87 14.41 -4.77
C MET B 368 -42.67 12.90 -4.80
N ILE B 369 -43.78 12.17 -4.78
CA ILE B 369 -43.81 10.72 -4.73
C ILE B 369 -44.60 10.20 -5.92
N HIS B 370 -44.11 9.12 -6.55
CA HIS B 370 -44.76 8.51 -7.71
C HIS B 370 -46.13 7.95 -7.32
N VAL B 371 -47.10 8.08 -8.24
CA VAL B 371 -48.51 7.91 -7.88
C VAL B 371 -48.87 6.43 -7.68
N GLU B 372 -48.34 5.55 -8.52
CA GLU B 372 -48.14 4.15 -8.17
C GLU B 372 -46.64 3.95 -8.02
N ARG B 373 -46.24 2.74 -7.60
CA ARG B 373 -44.84 2.35 -7.31
C ARG B 373 -44.13 3.41 -6.45
N PHE B 374 -44.60 3.51 -5.20
CA PHE B 374 -44.46 4.71 -4.37
C PHE B 374 -43.00 4.93 -3.99
N THR B 375 -42.27 5.56 -4.92
CA THR B 375 -40.84 5.79 -4.83
C THR B 375 -40.53 7.27 -5.04
N PRO B 376 -39.54 7.82 -4.34
CA PRO B 376 -39.19 9.25 -4.54
C PRO B 376 -38.29 9.49 -5.75
N VAL B 377 -38.90 9.50 -6.92
CA VAL B 377 -38.20 9.49 -8.20
C VAL B 377 -37.35 10.76 -8.48
N PRO B 378 -37.85 12.02 -8.33
CA PRO B 378 -36.96 13.16 -8.64
C PRO B 378 -35.82 13.36 -7.66
N SER B 379 -35.96 12.91 -6.41
CA SER B 379 -34.84 12.95 -5.47
C SER B 379 -33.72 12.01 -5.91
N LEU B 380 -34.07 10.79 -6.31
CA LEU B 380 -33.10 9.82 -6.82
C LEU B 380 -32.46 10.32 -8.11
N LEU B 381 -33.24 11.00 -8.96
CA LEU B 381 -32.70 11.55 -10.19
C LEU B 381 -31.69 12.66 -9.92
N PHE B 382 -31.99 13.54 -8.96
CA PHE B 382 -31.08 14.61 -8.59
C PHE B 382 -29.78 14.06 -7.99
N ASN B 383 -29.90 13.02 -7.15
CA ASN B 383 -28.72 12.40 -6.56
C ASN B 383 -27.84 11.74 -7.62
N GLY B 384 -28.46 11.03 -8.57
CA GLY B 384 -27.68 10.41 -9.63
C GLY B 384 -27.02 11.41 -10.56
N ILE B 385 -27.71 12.54 -10.82
CA ILE B 385 -27.14 13.58 -11.67
C ILE B 385 -25.91 14.21 -11.01
N MET B 386 -25.99 14.44 -9.69
CA MET B 386 -24.83 15.02 -8.99
C MET B 386 -23.65 14.05 -8.94
N ALA B 387 -23.92 12.76 -8.76
CA ALA B 387 -22.84 11.78 -8.76
C ALA B 387 -22.19 11.64 -10.14
N LEU B 388 -23.00 11.67 -11.21
CA LEU B 388 -22.45 11.61 -12.55
C LEU B 388 -21.66 12.87 -12.90
N ILE B 389 -22.05 14.02 -12.34
CA ILE B 389 -21.27 15.24 -12.54
C ILE B 389 -19.93 15.13 -11.84
N TYR B 390 -19.91 14.61 -10.61
CA TYR B 390 -18.65 14.47 -9.88
C TYR B 390 -17.75 13.38 -10.44
N LEU B 391 -18.28 12.46 -11.25
CA LEU B 391 -17.42 11.51 -11.95
C LEU B 391 -16.49 12.17 -12.97
N CYS B 392 -16.86 13.35 -13.48
CA CYS B 392 -16.09 13.99 -14.55
C CYS B 392 -14.80 14.63 -14.06
N VAL B 393 -14.62 14.76 -12.76
CA VAL B 393 -13.42 15.41 -12.22
C VAL B 393 -12.35 14.37 -11.98
N GLU B 394 -11.20 14.54 -12.63
CA GLU B 394 -10.07 13.66 -12.40
C GLU B 394 -9.40 14.05 -11.09
N ASP B 395 -8.92 13.03 -10.36
CA ASP B 395 -8.33 13.14 -9.02
C ASP B 395 -9.36 13.72 -8.04
N ILE B 396 -10.43 12.93 -7.83
CA ILE B 396 -11.40 13.24 -6.79
C ILE B 396 -11.02 12.62 -5.45
N PHE B 397 -9.97 11.80 -5.41
CA PHE B 397 -9.51 11.25 -4.14
C PHE B 397 -8.87 12.31 -3.26
N GLN B 398 -8.47 13.45 -3.83
CA GLN B 398 -8.11 14.63 -3.04
C GLN B 398 -9.31 15.13 -2.26
N LEU B 399 -10.52 15.04 -2.84
CA LEU B 399 -11.70 15.70 -2.31
C LEU B 399 -12.22 15.10 -1.00
N ILE B 400 -11.73 13.92 -0.59
CA ILE B 400 -12.10 13.42 0.72
C ILE B 400 -11.35 14.13 1.85
N ASN B 401 -10.31 14.89 1.52
CA ASN B 401 -9.60 15.67 2.53
C ASN B 401 -10.35 16.93 2.92
N TYR B 402 -11.44 17.27 2.23
CA TYR B 402 -12.17 18.48 2.49
C TYR B 402 -13.38 18.28 3.39
N TYR B 403 -13.87 17.05 3.55
CA TYR B 403 -14.94 16.79 4.50
C TYR B 403 -14.51 15.79 5.57
N SER B 404 -13.21 15.71 5.84
CA SER B 404 -12.75 14.93 6.98
C SER B 404 -13.16 15.59 8.29
N PHE B 405 -13.24 16.91 8.31
CA PHE B 405 -13.60 17.64 9.53
C PHE B 405 -15.11 17.72 9.70
N SER B 406 -15.85 17.85 8.61
CA SER B 406 -17.26 18.23 8.67
C SER B 406 -18.15 17.07 9.12
N TYR B 407 -17.84 15.86 8.68
CA TYR B 407 -18.68 14.69 8.91
C TYR B 407 -18.79 14.37 10.40
N TRP B 408 -17.64 14.27 11.07
CA TRP B 408 -17.64 14.01 12.51
C TRP B 408 -18.11 15.22 13.30
N PHE B 409 -17.95 16.42 12.74
CA PHE B 409 -18.50 17.62 13.38
C PHE B 409 -20.02 17.55 13.45
N PHE B 410 -20.67 17.10 12.38
CA PHE B 410 -22.13 17.03 12.42
C PHE B 410 -22.63 15.83 13.22
N VAL B 411 -21.86 14.73 13.25
CA VAL B 411 -22.21 13.62 14.14
C VAL B 411 -22.14 14.06 15.61
N GLY B 412 -21.07 14.76 15.98
CA GLY B 412 -20.96 15.27 17.34
C GLY B 412 -21.97 16.35 17.67
N LEU B 413 -22.36 17.14 16.67
CA LEU B 413 -23.40 18.14 16.88
C LEU B 413 -24.75 17.48 17.14
N SER B 414 -25.04 16.37 16.46
CA SER B 414 -26.27 15.63 16.78
C SER B 414 -26.20 14.99 18.17
N ILE B 415 -25.03 14.57 18.62
CA ILE B 415 -24.92 14.01 19.96
C ILE B 415 -25.13 15.09 21.03
N VAL B 416 -24.55 16.27 20.85
CA VAL B 416 -24.80 17.34 21.82
C VAL B 416 -26.22 17.88 21.70
N GLY B 417 -26.87 17.72 20.55
CA GLY B 417 -28.28 18.02 20.47
C GLY B 417 -29.14 17.05 21.24
N GLN B 418 -28.75 15.77 21.23
CA GLN B 418 -29.41 14.77 22.07
C GLN B 418 -29.25 15.09 23.55
N LEU B 419 -28.06 15.53 23.95
CA LEU B 419 -27.83 15.92 25.35
C LEU B 419 -28.66 17.15 25.74
N TYR B 420 -28.70 18.16 24.86
CA TYR B 420 -29.47 19.36 25.13
C TYR B 420 -30.96 19.08 25.16
N LEU B 421 -31.45 18.14 24.35
CA LEU B 421 -32.86 17.77 24.43
C LEU B 421 -33.15 16.91 25.65
N ARG B 422 -32.15 16.17 26.15
CA ARG B 422 -32.32 15.48 27.42
C ARG B 422 -32.41 16.45 28.58
N TRP B 423 -31.72 17.57 28.51
CA TRP B 423 -31.84 18.55 29.59
C TRP B 423 -33.11 19.39 29.46
N LYS B 424 -33.43 19.85 28.24
CA LYS B 424 -34.48 20.86 28.10
C LYS B 424 -35.88 20.25 28.14
N GLU B 425 -36.09 19.13 27.47
CA GLU B 425 -37.41 18.49 27.37
C GLU B 425 -37.33 17.09 27.96
N PRO B 426 -37.42 16.96 29.28
CA PRO B 426 -37.29 15.64 29.90
C PRO B 426 -38.58 14.84 29.94
N ASP B 427 -39.67 15.35 29.36
CA ASP B 427 -40.96 14.67 29.39
C ASP B 427 -41.44 14.26 28.01
N ARG B 428 -40.54 14.23 27.03
CA ARG B 428 -40.86 13.65 25.73
C ARG B 428 -41.06 12.14 25.88
N PRO B 429 -41.94 11.55 25.08
CA PRO B 429 -42.06 10.09 25.07
C PRO B 429 -40.83 9.42 24.48
N ARG B 430 -40.04 8.77 25.32
CA ARG B 430 -38.88 8.02 24.89
C ARG B 430 -39.14 6.54 25.07
N PRO B 431 -39.29 5.77 23.98
CA PRO B 431 -39.54 4.33 24.14
C PRO B 431 -38.36 3.58 24.72
N LEU B 432 -37.14 4.06 24.53
CA LEU B 432 -36.01 3.58 25.30
C LEU B 432 -35.04 4.73 25.49
N LYS B 433 -34.64 4.97 26.74
CA LYS B 433 -33.62 5.94 27.06
C LYS B 433 -32.48 5.22 27.77
N LEU B 434 -31.26 5.55 27.39
CA LEU B 434 -30.08 4.97 28.00
C LEU B 434 -29.52 5.94 29.03
N SER B 435 -28.39 5.56 29.62
CA SER B 435 -27.69 6.45 30.53
C SER B 435 -27.03 7.58 29.75
N VAL B 436 -26.61 8.61 30.48
CA VAL B 436 -25.95 9.76 29.85
C VAL B 436 -24.45 9.51 29.78
N PHE B 437 -24.02 8.29 30.09
CA PHE B 437 -22.63 7.93 29.96
C PHE B 437 -22.22 7.85 28.49
N PHE B 438 -23.03 7.16 27.68
CA PHE B 438 -22.72 7.00 26.26
C PHE B 438 -22.68 8.30 25.45
N PRO B 439 -23.63 9.26 25.58
CA PRO B 439 -23.47 10.50 24.82
C PRO B 439 -22.29 11.36 25.26
N ILE B 440 -21.90 11.29 26.54
CA ILE B 440 -20.75 12.07 27.00
C ILE B 440 -19.46 11.47 26.47
N VAL B 441 -19.32 10.14 26.51
CA VAL B 441 -18.07 9.55 26.01
C VAL B 441 -18.01 9.62 24.49
N PHE B 442 -19.15 9.60 23.80
CA PHE B 442 -19.07 9.79 22.36
C PHE B 442 -18.89 11.26 21.97
N CYS B 443 -19.31 12.19 22.82
CA CYS B 443 -18.98 13.60 22.60
C CYS B 443 -17.47 13.82 22.71
N LEU B 444 -16.83 13.22 23.72
CA LEU B 444 -15.38 13.32 23.83
C LEU B 444 -14.68 12.62 22.67
N CYS B 445 -15.23 11.49 22.22
CA CYS B 445 -14.67 10.79 21.06
C CYS B 445 -14.77 11.62 19.78
N THR B 446 -15.88 12.34 19.59
CA THR B 446 -16.01 13.17 18.40
C THR B 446 -15.18 14.44 18.48
N ILE B 447 -14.93 14.95 19.70
CA ILE B 447 -13.99 16.06 19.85
C ILE B 447 -12.58 15.61 19.49
N PHE B 448 -12.19 14.40 19.91
CA PHE B 448 -10.92 13.82 19.46
C PHE B 448 -10.91 13.59 17.95
N LEU B 449 -12.05 13.21 17.38
CA LEU B 449 -12.11 12.93 15.95
C LEU B 449 -12.02 14.21 15.11
N VAL B 450 -12.46 15.35 15.65
CA VAL B 450 -12.34 16.59 14.90
C VAL B 450 -11.06 17.35 15.23
N ALA B 451 -10.39 17.02 16.34
CA ALA B 451 -9.14 17.71 16.67
C ALA B 451 -7.99 17.28 15.77
N VAL B 452 -8.01 16.05 15.28
CA VAL B 452 -6.94 15.51 14.43
C VAL B 452 -6.88 16.21 13.06
N PRO B 453 -7.97 16.43 12.30
CA PRO B 453 -7.80 17.20 11.06
C PRO B 453 -7.66 18.71 11.25
N LEU B 454 -7.80 19.23 12.47
CA LEU B 454 -7.54 20.66 12.68
C LEU B 454 -6.09 20.95 12.98
N TYR B 455 -5.40 20.07 13.71
CA TYR B 455 -3.99 20.31 14.01
C TYR B 455 -3.13 19.97 12.81
N SER B 456 -3.12 18.70 12.42
CA SER B 456 -2.51 18.30 11.16
C SER B 456 -3.55 18.42 10.05
N ASP B 457 -3.07 18.68 8.83
CA ASP B 457 -3.90 18.87 7.63
C ASP B 457 -4.89 20.01 7.85
N THR B 458 -4.35 21.18 8.18
CA THR B 458 -5.17 22.30 8.65
C THR B 458 -5.65 23.22 7.53
N ILE B 459 -5.05 23.15 6.35
CA ILE B 459 -5.48 24.01 5.26
C ILE B 459 -6.74 23.46 4.61
N ASN B 460 -6.84 22.13 4.49
CA ASN B 460 -8.01 21.53 3.85
C ASN B 460 -9.25 21.62 4.71
N SER B 461 -9.09 21.69 6.03
CA SER B 461 -10.25 21.80 6.91
C SER B 461 -10.89 23.18 6.81
N LEU B 462 -10.08 24.22 6.66
CA LEU B 462 -10.64 25.56 6.47
C LEU B 462 -11.31 25.70 5.11
N ILE B 463 -10.79 25.01 4.10
CA ILE B 463 -11.45 24.95 2.79
C ILE B 463 -12.79 24.24 2.90
N GLY B 464 -12.85 23.19 3.73
CA GLY B 464 -14.12 22.51 3.95
C GLY B 464 -15.12 23.34 4.72
N ILE B 465 -14.65 24.15 5.68
CA ILE B 465 -15.53 25.06 6.40
C ILE B 465 -16.04 26.16 5.48
N ALA B 466 -15.21 26.61 4.54
CA ALA B 466 -15.65 27.59 3.55
C ALA B 466 -16.68 26.99 2.60
N ILE B 467 -16.49 25.73 2.22
CA ILE B 467 -17.46 25.03 1.37
C ILE B 467 -18.79 24.87 2.09
N ALA B 468 -18.74 24.53 3.38
CA ALA B 468 -19.97 24.36 4.17
C ALA B 468 -20.66 25.69 4.44
N LEU B 469 -19.92 26.79 4.50
CA LEU B 469 -20.52 28.10 4.70
C LEU B 469 -20.89 28.79 3.39
N SER B 470 -20.54 28.21 2.26
CA SER B 470 -20.90 28.78 0.96
C SER B 470 -22.41 28.73 0.64
N GLY B 471 -23.33 28.30 1.49
CA GLY B 471 -24.74 28.29 1.14
C GLY B 471 -25.53 29.37 1.85
N LEU B 472 -24.84 30.18 2.65
CA LEU B 472 -25.51 31.24 3.41
C LEU B 472 -26.13 32.37 2.57
N PRO B 473 -25.68 32.71 1.37
CA PRO B 473 -26.52 33.58 0.52
C PRO B 473 -27.86 32.97 0.14
N PHE B 474 -28.00 31.65 0.12
CA PHE B 474 -29.30 31.04 -0.17
C PHE B 474 -30.20 31.02 1.05
N TYR B 475 -29.64 30.98 2.26
CA TYR B 475 -30.47 30.88 3.45
C TYR B 475 -31.11 32.22 3.81
N PHE B 476 -30.37 33.31 3.71
CA PHE B 476 -30.87 34.60 4.15
C PHE B 476 -31.65 35.36 3.09
N LEU B 477 -31.50 35.00 1.81
CA LEU B 477 -32.15 35.73 0.75
C LEU B 477 -33.31 34.99 0.10
N ILE B 478 -33.48 33.70 0.36
CA ILE B 478 -34.57 32.93 -0.23
C ILE B 478 -35.36 32.22 0.86
N ILE B 479 -34.67 31.47 1.71
CA ILE B 479 -35.35 30.60 2.67
C ILE B 479 -35.89 31.39 3.84
N ARG B 480 -35.10 32.32 4.39
CA ARG B 480 -35.52 33.09 5.54
C ARG B 480 -36.66 34.05 5.20
N VAL B 481 -36.63 34.65 4.02
CA VAL B 481 -37.74 35.51 3.60
C VAL B 481 -38.95 34.63 3.26
N PRO B 482 -40.16 34.99 3.68
CA PRO B 482 -41.32 34.16 3.36
C PRO B 482 -41.75 34.34 1.91
N GLU B 483 -42.73 33.54 1.51
CA GLU B 483 -43.34 33.73 0.20
C GLU B 483 -44.26 34.95 0.23
N HIS B 484 -44.82 35.27 -0.94
CA HIS B 484 -45.45 36.54 -1.33
C HIS B 484 -44.58 37.77 -1.00
N LYS B 485 -43.27 37.58 -0.90
CA LYS B 485 -42.27 38.64 -0.86
C LYS B 485 -41.06 38.31 -1.71
N ARG B 486 -40.90 37.06 -2.13
CA ARG B 486 -39.88 36.67 -3.07
C ARG B 486 -40.22 37.22 -4.46
N PRO B 487 -39.24 37.36 -5.35
CA PRO B 487 -39.55 37.85 -6.71
C PRO B 487 -40.45 36.92 -7.49
N LEU B 488 -41.45 37.50 -8.14
CA LEU B 488 -42.50 36.74 -8.82
C LEU B 488 -41.96 36.00 -10.03
N TYR B 489 -40.98 36.58 -10.73
CA TYR B 489 -40.43 35.95 -11.93
C TYR B 489 -39.61 34.71 -11.59
N LEU B 490 -39.10 34.62 -10.35
CA LEU B 490 -38.47 33.37 -9.92
C LEU B 490 -39.52 32.33 -9.56
N ARG B 491 -40.61 32.77 -8.93
CA ARG B 491 -41.62 31.83 -8.45
C ARG B 491 -42.39 31.19 -9.61
N ARG B 492 -42.67 31.98 -10.63
CA ARG B 492 -43.37 31.50 -11.81
C ARG B 492 -42.53 30.48 -12.59
N ILE B 493 -41.23 30.73 -12.66
CA ILE B 493 -40.30 29.86 -13.36
C ILE B 493 -40.15 28.53 -12.61
N VAL B 494 -40.00 28.60 -11.29
CA VAL B 494 -39.87 27.38 -10.48
C VAL B 494 -41.17 26.58 -10.50
N GLY B 495 -42.32 27.27 -10.52
CA GLY B 495 -43.59 26.56 -10.61
C GLY B 495 -43.81 25.87 -11.93
N SER B 496 -43.42 26.52 -13.04
CA SER B 496 -43.54 25.90 -14.36
C SER B 496 -42.61 24.71 -14.51
N ALA B 497 -41.37 24.84 -14.01
CA ALA B 497 -40.44 23.71 -14.07
C ALA B 497 -40.90 22.55 -13.18
N THR B 498 -41.49 22.87 -12.02
CA THR B 498 -42.03 21.83 -11.15
C THR B 498 -43.20 21.12 -11.79
N ARG B 499 -44.07 21.86 -12.49
CA ARG B 499 -45.22 21.24 -13.14
C ARG B 499 -44.79 20.34 -14.30
N TYR B 500 -43.78 20.77 -15.08
CA TYR B 500 -43.31 19.93 -16.17
C TYR B 500 -42.59 18.69 -15.67
N LEU B 501 -41.76 18.83 -14.62
CA LEU B 501 -41.12 17.66 -14.02
C LEU B 501 -42.13 16.73 -13.37
N GLN B 502 -43.23 17.30 -12.86
CA GLN B 502 -44.29 16.49 -12.26
C GLN B 502 -45.03 15.68 -13.31
N VAL B 503 -45.26 16.27 -14.50
CA VAL B 503 -45.92 15.52 -15.56
C VAL B 503 -44.98 14.47 -16.14
N LEU B 504 -43.68 14.76 -16.22
CA LEU B 504 -42.73 13.77 -16.73
C LEU B 504 -42.54 12.60 -15.76
N CYS B 505 -42.33 12.89 -14.48
CA CYS B 505 -42.03 11.83 -13.52
C CYS B 505 -43.27 11.18 -12.91
N MET B 506 -44.47 11.71 -13.20
CA MET B 506 -45.76 11.20 -12.68
C MET B 506 -45.79 11.17 -11.15
N SER B 507 -45.42 12.29 -10.53
CA SER B 507 -45.16 12.32 -9.10
C SER B 507 -45.90 13.48 -8.45
N VAL B 508 -46.70 13.19 -7.42
CA VAL B 508 -47.36 14.24 -6.65
C VAL B 508 -46.75 14.28 -5.26
N ALA B 509 -47.02 15.38 -4.56
CA ALA B 509 -46.63 15.49 -3.15
C ALA B 509 -47.51 14.59 -2.30
N ALA B 510 -47.04 14.34 -1.07
CA ALA B 510 -47.71 13.37 -0.20
C ALA B 510 -49.04 13.92 0.30
N GLU B 511 -50.02 13.02 0.40
CA GLU B 511 -51.36 13.39 0.84
C GLU B 511 -51.54 13.09 2.32
C1 NAG C . 35.57 12.35 10.72
C2 NAG C . 36.21 12.24 9.34
C3 NAG C . 37.58 12.90 9.34
C4 NAG C . 37.49 14.34 9.86
C5 NAG C . 36.79 14.38 11.21
C6 NAG C . 36.50 15.78 11.68
C7 NAG C . 35.82 10.37 7.78
C8 NAG C . 36.03 8.91 7.53
N2 NAG C . 36.32 10.85 8.94
O3 NAG C . 38.09 12.88 8.01
O4 NAG C . 38.79 14.91 10.00
O5 NAG C . 35.51 13.72 11.12
O6 NAG C . 35.28 16.25 11.15
O7 NAG C . 35.24 11.10 6.99
C1 NAG C . 39.02 15.87 8.95
C2 NAG C . 39.97 16.98 9.40
C3 NAG C . 40.24 17.95 8.26
C4 NAG C . 40.74 17.20 7.02
C5 NAG C . 39.79 16.07 6.66
C6 NAG C . 40.31 15.20 5.53
C7 NAG C . 39.69 17.35 11.81
C8 NAG C . 39.05 18.20 12.87
N2 NAG C . 39.43 17.69 10.55
O3 NAG C . 41.22 18.90 8.67
O4 NAG C . 40.84 18.10 5.92
O5 NAG C . 39.58 15.21 7.78
O6 NAG C . 40.46 13.86 5.95
O7 NAG C . 40.40 16.39 12.10
C1 NAG D . 24.29 -32.29 -14.25
C2 NAG D . 22.87 -32.39 -14.82
C3 NAG D . 22.90 -32.39 -16.37
C4 NAG D . 24.18 -32.95 -16.98
C5 NAG D . 25.45 -32.48 -16.25
C6 NAG D . 26.39 -31.69 -17.12
C7 NAG D . 21.05 -33.48 -13.59
C8 NAG D . 20.45 -34.78 -13.16
N2 NAG D . 22.17 -33.56 -14.31
O3 NAG D . 22.68 -31.08 -16.85
O4 NAG D . 24.12 -34.37 -17.19
O5 NAG D . 25.11 -31.62 -15.15
O6 NAG D . 26.90 -30.55 -16.45
O7 NAG D . 20.54 -32.39 -13.30
C1 NAG D . 24.70 -35.30 -16.21
C2 NAG D . 23.82 -36.55 -16.09
C3 NAG D . 24.42 -37.48 -15.03
C4 NAG D . 25.87 -37.80 -15.34
C5 NAG D . 26.69 -36.52 -15.56
C6 NAG D . 28.09 -36.79 -16.06
C7 NAG D . 21.37 -36.73 -16.38
C8 NAG D . 21.64 -37.71 -17.48
N2 NAG D . 22.45 -36.22 -15.76
O3 NAG D . 23.67 -38.69 -15.00
O4 NAG D . 26.44 -38.53 -14.26
O5 NAG D . 26.06 -35.69 -16.55
O6 NAG D . 29.08 -36.32 -15.15
O7 NAG D . 20.23 -36.41 -16.06
C1 NAG E . 45.80 -14.47 -8.69
C2 NAG E . 46.47 -13.55 -9.70
C3 NAG E . 47.75 -14.20 -10.23
C4 NAG E . 48.68 -14.47 -9.06
C5 NAG E . 47.99 -15.34 -7.99
C6 NAG E . 48.79 -15.40 -6.71
C7 NAG E . 45.39 -11.96 -11.21
C8 NAG E . 44.46 -11.77 -12.37
N2 NAG E . 45.59 -13.22 -10.80
O3 NAG E . 48.36 -13.32 -11.14
O4 NAG E . 49.92 -15.02 -9.52
O5 NAG E . 46.73 -14.76 -7.63
O6 NAG E . 48.61 -14.20 -5.97
O7 NAG E . 45.95 -11.01 -10.66
C1 NAG E . 49.89 -16.36 -10.05
C2 NAG E . 50.70 -16.44 -11.33
C3 NAG E . 50.70 -17.87 -11.85
C4 NAG E . 51.23 -18.82 -10.79
C5 NAG E . 50.47 -18.64 -9.47
C6 NAG E . 51.11 -19.40 -8.33
C7 NAG E . 50.91 -14.50 -12.81
C8 NAG E . 50.26 -13.66 -13.85
N2 NAG E . 50.19 -15.53 -12.34
O3 NAG E . 51.51 -17.94 -13.02
O4 NAG E . 51.10 -20.17 -11.22
O5 NAG E . 50.44 -17.27 -9.07
O6 NAG E . 52.17 -18.65 -7.76
O7 NAG E . 52.05 -14.26 -12.39
C1 NAG F . 27.79 -6.14 -28.67
C2 NAG F . 28.19 -7.46 -29.36
C3 NAG F . 27.14 -7.88 -30.39
C4 NAG F . 26.71 -6.71 -31.28
C5 NAG F . 26.35 -5.48 -30.44
C6 NAG F . 24.93 -5.01 -30.67
C7 NAG F . 30.32 -8.38 -30.14
C8 NAG F . 31.63 -8.07 -30.81
N2 NAG F . 29.50 -7.33 -29.98
O3 NAG F . 26.02 -8.43 -29.72
O4 NAG F . 27.72 -6.39 -32.22
O5 NAG F . 26.46 -5.78 -29.05
O6 NAG F . 24.01 -5.72 -29.86
O7 NAG F . 30.02 -9.51 -29.77
C1 NAG F . 27.35 -6.99 -33.48
C2 NAG F . 27.53 -6.01 -34.65
C3 NAG F . 27.16 -6.69 -35.98
C4 NAG F . 27.91 -8.00 -36.15
C5 NAG F . 27.74 -8.90 -34.93
C6 NAG F . 28.59 -10.14 -35.00
C7 NAG F . 27.13 -3.60 -34.91
C8 NAG F . 26.19 -2.47 -34.60
N2 NAG F . 26.75 -4.80 -34.45
O3 NAG F . 27.43 -5.82 -37.07
O4 NAG F . 27.42 -8.68 -37.31
O5 NAG F . 28.13 -8.19 -33.73
O6 NAG F . 29.97 -9.83 -34.90
O7 NAG F . 28.17 -3.44 -35.53
N ARG G . -16.58 1.29 6.36
CA ARG G . -16.63 1.78 5.00
C ARG G . -15.59 1.11 4.11
O ARG G . -15.64 1.34 2.87
CB ARG G . -16.41 3.30 4.98
CG ARG G . -17.63 4.10 5.40
CD ARG G . -18.68 4.10 4.30
NE ARG G . -19.85 4.91 4.65
CZ ARG G . -19.77 6.11 5.21
NH1 ARG G . -20.87 6.78 5.49
NH2 ARG G . -18.59 6.65 5.46
OXT ARG G . -14.73 0.34 4.66
#